data_3PXE
#
_entry.id   3PXE
#
_cell.length_a   115.820
_cell.length_b   131.050
_cell.length_c   180.840
_cell.angle_alpha   90.00
_cell.angle_beta   90.00
_cell.angle_gamma   90.00
#
_symmetry.space_group_name_H-M   'C 2 2 21'
#
loop_
_entity.id
_entity.type
_entity.pdbx_description
1 polymer 'Breast cancer type 1 susceptibility protein'
2 polymer 'phospho peptide'
3 water water
#
loop_
_entity_poly.entity_id
_entity_poly.type
_entity_poly.pdbx_seq_one_letter_code
_entity_poly.pdbx_strand_id
1 'polypeptide(L)'
;VNKRMSMVVSGLTPEEFMLVYKFARKHHITLTNLITEETTHVVMKTDAEFVCERTLKYFLGIAGGKWVVSYFWVTQSIKE
RKMLNEHDFEVRGDVVNGRNHQGPKRARESQDRKIFRGLEICCYGPFTNMPTDQLEWMVQLCGASVVKELSSFTLGTGVH
PIVVVQPDAWTEDNGFHAIGQMCEAPVVTRKWVLDSVALYQCQELDTYLIPQIP
;
A,B,C,D
2 'polypeptide(L)' SRST(SEP)PTFNK E,F,G,H
#
# COMPACT_ATOMS: atom_id res chain seq x y z
N ASN A 2 -22.13 24.88 16.53
CA ASN A 2 -21.71 25.23 15.18
C ASN A 2 -20.61 26.28 15.10
N LYS A 3 -20.96 27.47 14.62
CA LYS A 3 -19.96 28.51 14.30
C LYS A 3 -20.66 29.74 13.66
N ARG A 4 -20.21 30.95 14.00
CA ARG A 4 -20.99 32.15 13.72
C ARG A 4 -20.23 33.16 12.85
N MET A 5 -20.90 33.66 11.81
CA MET A 5 -20.37 34.78 11.03
C MET A 5 -20.07 36.01 11.90
N SER A 6 -18.87 36.56 11.72
CA SER A 6 -18.45 37.77 12.41
C SER A 6 -17.64 38.63 11.43
N MET A 7 -18.12 39.85 11.18
CA MET A 7 -17.46 40.76 10.24
C MET A 7 -16.85 41.97 10.92
N VAL A 8 -15.81 42.53 10.31
CA VAL A 8 -15.34 43.87 10.63
C VAL A 8 -15.19 44.57 9.29
N VAL A 9 -15.24 45.91 9.25
CA VAL A 9 -15.07 46.61 7.98
C VAL A 9 -13.77 47.41 7.98
N SER A 10 -13.29 47.75 6.79
CA SER A 10 -12.12 48.59 6.66
C SER A 10 -12.20 49.47 5.41
N GLY A 11 -11.75 50.72 5.53
CA GLY A 11 -11.76 51.67 4.44
C GLY A 11 -13.11 52.36 4.26
N LEU A 12 -14.06 52.05 5.13
CA LEU A 12 -15.39 52.66 5.06
C LEU A 12 -15.50 54.01 5.78
N THR A 13 -16.37 54.85 5.27
CA THR A 13 -16.79 56.06 5.95
C THR A 13 -17.94 55.71 6.87
N PRO A 14 -18.08 56.47 7.97
CA PRO A 14 -19.20 56.41 8.91
C PRO A 14 -20.55 56.11 8.25
N GLU A 15 -20.87 56.82 7.17
CA GLU A 15 -22.14 56.64 6.47
C GLU A 15 -22.17 55.27 5.84
N GLU A 16 -21.04 54.84 5.28
CA GLU A 16 -20.92 53.49 4.74
C GLU A 16 -21.03 52.48 5.87
N PHE A 17 -20.36 52.76 6.98
CA PHE A 17 -20.46 51.87 8.13
C PHE A 17 -21.92 51.72 8.57
N MET A 18 -22.62 52.86 8.67
CA MET A 18 -24.05 52.86 8.94
C MET A 18 -24.86 51.86 8.12
N LEU A 19 -24.49 51.73 6.83
CA LEU A 19 -25.11 50.78 5.90
C LEU A 19 -24.85 49.36 6.34
N VAL A 20 -23.58 49.03 6.58
CA VAL A 20 -23.22 47.68 7.02
C VAL A 20 -23.85 47.34 8.38
N TYR A 21 -23.93 48.34 9.26
CA TYR A 21 -24.58 48.18 10.55
C TYR A 21 -26.05 47.81 10.41
N LYS A 22 -26.79 48.65 9.71
CA LYS A 22 -28.18 48.35 9.42
C LYS A 22 -28.30 47.00 8.70
N PHE A 23 -27.33 46.71 7.84
CA PHE A 23 -27.32 45.45 7.10
C PHE A 23 -27.10 44.26 8.03
N ALA A 24 -26.11 44.39 8.93
CA ALA A 24 -25.79 43.33 9.89
C ALA A 24 -26.96 43.12 10.84
N ARG A 25 -27.65 44.22 11.16
CA ARG A 25 -28.86 44.17 12.00
C ARG A 25 -29.99 43.41 11.33
N LYS A 26 -30.30 43.73 10.08
CA LYS A 26 -31.32 43.00 9.33
C LYS A 26 -31.06 41.50 9.25
N HIS A 27 -29.82 41.11 8.94
CA HIS A 27 -29.53 39.69 8.69
C HIS A 27 -29.04 38.89 9.90
N HIS A 28 -28.89 39.56 11.05
CA HIS A 28 -28.43 38.93 12.27
C HIS A 28 -26.95 38.53 12.22
N ILE A 29 -26.12 39.37 11.61
CA ILE A 29 -24.70 39.03 11.44
C ILE A 29 -23.86 39.74 12.49
N THR A 30 -23.08 38.99 13.27
CA THR A 30 -22.19 39.61 14.26
C THR A 30 -21.25 40.62 13.59
N LEU A 31 -21.35 41.90 13.99
CA LEU A 31 -20.48 42.94 13.46
C LEU A 31 -19.64 43.46 14.60
N THR A 32 -18.34 43.67 14.37
CA THR A 32 -17.48 44.23 15.40
C THR A 32 -16.43 45.20 14.90
N ASN A 33 -15.98 45.98 15.86
CA ASN A 33 -14.92 46.97 15.86
C ASN A 33 -13.52 46.40 15.66
N LEU A 34 -13.34 45.12 15.98
CA LEU A 34 -12.00 44.56 16.21
C LEU A 34 -11.79 43.11 15.77
N ILE A 35 -10.74 42.89 14.99
CA ILE A 35 -10.50 41.55 14.44
C ILE A 35 -9.95 40.63 15.50
N THR A 36 -10.60 39.47 15.64
CA THR A 36 -10.12 38.39 16.48
C THR A 36 -10.25 37.07 15.75
N GLU A 37 -9.74 36.03 16.39
CA GLU A 37 -9.81 34.66 15.91
C GLU A 37 -11.25 34.26 15.55
N GLU A 38 -12.25 34.79 16.26
CA GLU A 38 -13.67 34.54 15.92
C GLU A 38 -14.15 35.25 14.62
N THR A 39 -13.36 36.22 14.16
CA THR A 39 -13.70 36.97 12.97
C THR A 39 -13.58 36.08 11.70
N THR A 40 -14.65 36.07 10.91
CA THR A 40 -14.70 35.23 9.73
C THR A 40 -14.52 36.01 8.43
N HIS A 41 -15.12 37.20 8.35
CA HIS A 41 -15.03 38.06 7.17
C HIS A 41 -14.48 39.45 7.46
N VAL A 42 -13.55 39.91 6.64
CA VAL A 42 -13.16 41.33 6.66
C VAL A 42 -13.83 42.00 5.45
N VAL A 43 -14.61 43.05 5.68
CA VAL A 43 -15.28 43.73 4.56
C VAL A 43 -14.46 44.95 4.14
N MET A 44 -13.81 44.88 2.97
CA MET A 44 -12.92 45.95 2.50
C MET A 44 -13.60 46.94 1.52
N LYS A 45 -13.29 48.23 1.65
CA LYS A 45 -13.70 49.21 0.64
C LYS A 45 -12.79 48.97 -0.57
N THR A 46 -13.39 48.81 -1.75
CA THR A 46 -12.62 48.56 -2.96
C THR A 46 -13.09 49.40 -4.13
N ASP A 47 -12.35 49.34 -5.23
CA ASP A 47 -12.85 49.84 -6.51
C ASP A 47 -13.68 48.76 -7.19
N ALA A 48 -14.32 49.11 -8.30
CA ALA A 48 -15.26 48.21 -8.94
C ALA A 48 -14.64 46.84 -9.32
N GLU A 49 -13.31 46.75 -9.28
CA GLU A 49 -12.61 45.50 -9.62
C GLU A 49 -12.17 44.74 -8.38
N PHE A 50 -12.65 45.17 -7.21
CA PHE A 50 -12.30 44.57 -5.93
C PHE A 50 -10.82 44.69 -5.57
N VAL A 51 -10.19 45.81 -5.97
CA VAL A 51 -8.87 46.16 -5.44
C VAL A 51 -9.05 47.17 -4.31
N CYS A 52 -8.28 47.00 -3.24
CA CYS A 52 -8.39 47.91 -2.08
C CYS A 52 -7.09 48.61 -1.71
N GLU A 53 -7.16 49.44 -0.65
CA GLU A 53 -5.98 50.05 -0.07
C GLU A 53 -5.49 49.12 1.03
N ARG A 54 -4.20 49.12 1.33
CA ARG A 54 -3.73 48.24 2.40
C ARG A 54 -3.90 48.88 3.79
N THR A 55 -4.73 48.26 4.62
CA THR A 55 -4.93 48.70 6.02
C THR A 55 -4.57 47.57 6.96
N LEU A 56 -4.35 47.89 8.25
CA LEU A 56 -4.00 46.84 9.22
C LEU A 56 -5.02 45.71 9.16
N LYS A 57 -6.31 46.05 9.19
CA LYS A 57 -7.36 45.03 9.10
C LYS A 57 -7.24 44.14 7.85
N TYR A 58 -6.72 44.72 6.76
CA TYR A 58 -6.56 43.97 5.52
C TYR A 58 -5.48 42.93 5.74
N PHE A 59 -4.29 43.39 6.12
CA PHE A 59 -3.23 42.46 6.47
C PHE A 59 -3.70 41.36 7.44
N LEU A 60 -4.37 41.74 8.52
CA LEU A 60 -4.77 40.76 9.52
C LEU A 60 -5.85 39.81 9.04
N GLY A 61 -6.74 40.30 8.19
CA GLY A 61 -7.72 39.44 7.52
C GLY A 61 -7.09 38.36 6.63
N ILE A 62 -6.01 38.70 5.94
CA ILE A 62 -5.28 37.71 5.17
C ILE A 62 -4.52 36.81 6.13
N ALA A 63 -3.60 37.38 6.89
CA ALA A 63 -2.80 36.57 7.82
C ALA A 63 -3.63 35.43 8.47
N GLY A 64 -4.86 35.74 8.87
CA GLY A 64 -5.71 34.77 9.52
C GLY A 64 -6.45 33.80 8.62
N GLY A 65 -6.29 33.96 7.29
CA GLY A 65 -6.96 33.13 6.31
C GLY A 65 -8.46 33.36 6.27
N LYS A 66 -8.86 34.60 6.49
CA LYS A 66 -10.29 34.90 6.53
C LYS A 66 -10.83 35.19 5.14
N TRP A 67 -12.14 35.29 5.03
CA TRP A 67 -12.79 35.84 3.86
C TRP A 67 -12.69 37.36 3.82
N VAL A 68 -11.69 37.89 3.11
CA VAL A 68 -11.61 39.33 2.86
C VAL A 68 -12.42 39.71 1.60
N VAL A 69 -13.69 40.07 1.80
CA VAL A 69 -14.56 40.44 0.68
C VAL A 69 -14.77 41.95 0.51
N SER A 70 -15.24 42.33 -0.68
CA SER A 70 -15.49 43.75 -1.02
C SER A 70 -16.77 44.31 -0.38
N TYR A 71 -16.72 45.58 0.02
CA TYR A 71 -17.92 46.29 0.46
C TYR A 71 -19.06 46.30 -0.60
N PHE A 72 -18.68 46.09 -1.87
CA PHE A 72 -19.66 45.96 -2.96
C PHE A 72 -20.63 44.81 -2.76
N TRP A 73 -20.24 43.85 -1.94
CA TRP A 73 -21.12 42.75 -1.59
C TRP A 73 -22.32 43.31 -0.84
N VAL A 74 -22.04 44.12 0.19
CA VAL A 74 -23.08 44.74 1.00
C VAL A 74 -24.05 45.57 0.16
N THR A 75 -23.51 46.50 -0.63
CA THR A 75 -24.37 47.34 -1.46
C THR A 75 -25.21 46.51 -2.43
N GLN A 76 -24.59 45.53 -3.07
CA GLN A 76 -25.26 44.72 -4.07
C GLN A 76 -26.32 43.81 -3.47
N SER A 77 -26.06 43.28 -2.27
CA SER A 77 -27.08 42.49 -1.58
C SER A 77 -28.30 43.37 -1.28
N ILE A 78 -28.05 44.57 -0.74
CA ILE A 78 -29.13 45.53 -0.49
C ILE A 78 -29.91 45.76 -1.78
N LYS A 79 -29.20 46.07 -2.85
CA LYS A 79 -29.82 46.34 -4.14
C LYS A 79 -30.71 45.19 -4.66
N GLU A 80 -30.48 43.98 -4.16
CA GLU A 80 -31.28 42.84 -4.62
C GLU A 80 -32.09 42.17 -3.50
N ARG A 81 -32.20 42.85 -2.36
CA ARG A 81 -33.06 42.43 -1.28
C ARG A 81 -32.80 40.98 -0.85
N LYS A 82 -31.65 40.45 -1.25
CA LYS A 82 -31.19 39.16 -0.75
C LYS A 82 -29.70 39.25 -0.38
N MET A 83 -29.24 38.41 0.52
CA MET A 83 -27.81 38.33 0.74
C MET A 83 -27.19 37.53 -0.41
N LEU A 84 -26.21 38.12 -1.09
CA LEU A 84 -25.53 37.42 -2.17
C LEU A 84 -24.36 36.61 -1.61
N ASN A 85 -23.91 35.60 -2.36
CA ASN A 85 -22.74 34.82 -1.98
C ASN A 85 -21.47 35.67 -1.98
N GLU A 86 -20.92 35.97 -0.80
CA GLU A 86 -19.76 36.86 -0.71
C GLU A 86 -18.47 36.29 -1.33
N HIS A 87 -18.46 34.98 -1.60
CA HIS A 87 -17.32 34.38 -2.27
C HIS A 87 -17.12 35.09 -3.62
N ASP A 88 -18.24 35.42 -4.27
CA ASP A 88 -18.25 36.14 -5.54
C ASP A 88 -17.66 37.55 -5.43
N PHE A 89 -17.43 38.05 -4.21
CA PHE A 89 -16.88 39.39 -4.03
C PHE A 89 -15.53 39.44 -3.31
N GLU A 90 -14.88 38.30 -3.13
CA GLU A 90 -13.60 38.27 -2.43
C GLU A 90 -12.57 39.23 -3.02
N VAL A 91 -11.82 39.93 -2.18
CA VAL A 91 -10.87 40.93 -2.67
C VAL A 91 -9.80 40.28 -3.54
N ARG A 92 -9.50 40.90 -4.67
CA ARG A 92 -8.58 40.32 -5.65
C ARG A 92 -7.15 40.82 -5.45
N GLY A 93 -7.00 42.09 -5.09
CA GLY A 93 -5.67 42.65 -4.89
C GLY A 93 -5.66 44.00 -4.19
N ASP A 94 -4.54 44.71 -4.33
CA ASP A 94 -4.40 46.03 -3.70
C ASP A 94 -3.53 46.98 -4.51
N VAL A 95 -3.69 48.27 -4.25
CA VAL A 95 -2.99 49.35 -4.96
C VAL A 95 -1.48 49.32 -4.80
N VAL A 96 -0.97 48.29 -4.13
CA VAL A 96 0.48 48.19 -3.87
C VAL A 96 1.17 46.96 -4.48
N ASN A 97 0.57 45.80 -4.27
CA ASN A 97 1.26 44.54 -4.53
C ASN A 97 0.79 43.81 -5.78
N GLY A 98 -0.25 44.33 -6.42
CA GLY A 98 -0.84 43.67 -7.57
C GLY A 98 -2.33 43.91 -7.55
N ARG A 99 -2.88 44.29 -8.69
CA ARG A 99 -4.30 44.55 -8.81
C ARG A 99 -5.09 43.23 -8.92
N ASN A 100 -4.35 42.13 -9.05
CA ASN A 100 -4.96 40.81 -9.05
C ASN A 100 -3.96 39.72 -8.62
N HIS A 101 -3.49 39.79 -7.37
CA HIS A 101 -2.52 38.80 -6.87
C HIS A 101 -3.22 37.74 -6.05
N GLN A 102 -4.48 38.00 -5.73
CA GLN A 102 -5.33 37.05 -5.02
C GLN A 102 -4.75 36.50 -3.72
N GLY A 103 -4.08 37.38 -2.96
CA GLY A 103 -3.56 37.05 -1.65
C GLY A 103 -4.63 36.52 -0.72
N PRO A 104 -5.80 37.15 -0.69
CA PRO A 104 -6.83 36.51 0.12
C PRO A 104 -7.07 35.05 -0.25
N LYS A 105 -7.27 34.73 -1.51
CA LYS A 105 -7.50 33.33 -1.86
C LYS A 105 -6.30 32.44 -1.47
N ARG A 106 -5.07 32.93 -1.66
CA ARG A 106 -3.86 32.15 -1.34
C ARG A 106 -3.84 31.74 0.13
N ALA A 107 -3.89 32.74 1.02
CA ALA A 107 -3.89 32.48 2.45
C ALA A 107 -5.05 31.54 2.83
N ARG A 108 -6.21 31.77 2.24
CA ARG A 108 -7.36 30.93 2.55
C ARG A 108 -7.16 29.44 2.24
N GLU A 109 -6.38 29.14 1.20
CA GLU A 109 -6.23 27.77 0.73
C GLU A 109 -4.90 27.19 1.24
N SER A 110 -4.03 28.08 1.70
CA SER A 110 -2.68 27.69 2.11
C SER A 110 -2.44 27.67 3.62
N GLN A 111 -3.48 27.37 4.41
CA GLN A 111 -3.34 27.44 5.87
C GLN A 111 -2.46 26.34 6.43
N ASP A 112 -2.30 25.27 5.64
CA ASP A 112 -1.47 24.10 5.95
C ASP A 112 0.00 24.37 5.67
N ARG A 113 0.28 25.31 4.77
CA ARG A 113 1.65 25.71 4.46
C ARG A 113 1.83 27.23 4.60
N LYS A 114 1.68 27.72 5.83
CA LYS A 114 1.83 29.14 6.17
C LYS A 114 3.16 29.70 5.69
N ILE A 115 3.16 30.97 5.31
CA ILE A 115 4.31 31.57 4.63
C ILE A 115 5.54 31.75 5.54
N PHE A 116 5.33 31.80 6.85
CA PHE A 116 6.44 32.01 7.78
C PHE A 116 6.81 30.80 8.65
N ARG A 117 6.53 29.58 8.17
CA ARG A 117 6.95 28.38 8.90
C ARG A 117 8.44 28.45 9.21
N GLY A 118 8.81 27.93 10.38
CA GLY A 118 10.20 27.86 10.78
C GLY A 118 10.98 29.16 10.80
N LEU A 119 10.28 30.29 10.89
CA LEU A 119 10.97 31.57 11.02
C LEU A 119 10.77 32.19 12.41
N GLU A 120 11.87 32.64 13.01
CA GLU A 120 11.79 33.41 14.24
C GLU A 120 11.93 34.90 13.96
N ILE A 121 10.86 35.64 14.21
CA ILE A 121 10.88 37.08 13.93
C ILE A 121 10.83 37.90 15.22
N CYS A 122 11.76 38.84 15.34
CA CYS A 122 11.68 39.84 16.40
C CYS A 122 11.29 41.19 15.82
N CYS A 123 10.13 41.70 16.22
CA CYS A 123 9.73 43.03 15.79
C CYS A 123 10.42 44.10 16.63
N TYR A 124 11.68 44.38 16.31
CA TYR A 124 12.49 45.39 16.98
C TYR A 124 11.94 46.80 16.80
N GLY A 125 11.31 47.33 17.85
CA GLY A 125 10.61 48.61 17.80
C GLY A 125 11.62 49.72 17.64
N PRO A 126 11.16 50.95 17.33
CA PRO A 126 9.77 51.43 17.27
C PRO A 126 9.05 51.25 15.93
N PHE A 127 7.74 51.50 15.97
CA PHE A 127 6.87 51.47 14.80
C PHE A 127 5.80 52.55 14.87
N THR A 128 5.10 52.78 13.75
CA THR A 128 3.99 53.75 13.70
C THR A 128 2.80 53.22 12.90
N ASN A 129 1.63 53.76 13.20
CA ASN A 129 0.41 53.47 12.46
C ASN A 129 -0.05 52.03 12.54
N MET A 130 0.69 51.24 13.30
CA MET A 130 0.42 49.82 13.50
C MET A 130 1.16 49.33 14.74
N PRO A 131 0.43 49.04 15.84
CA PRO A 131 1.02 48.69 17.13
C PRO A 131 1.85 47.40 17.10
N THR A 132 3.01 47.43 17.75
CA THR A 132 3.93 46.30 17.74
C THR A 132 3.26 44.93 17.98
N ASP A 133 2.31 44.86 18.90
CA ASP A 133 1.60 43.59 19.14
C ASP A 133 0.72 43.17 17.94
N GLN A 134 0.28 44.13 17.14
CA GLN A 134 -0.47 43.78 15.94
C GLN A 134 0.45 43.22 14.83
N LEU A 135 1.62 43.84 14.66
CA LEU A 135 2.59 43.29 13.73
C LEU A 135 3.04 41.88 14.17
N GLU A 136 3.21 41.70 15.49
CA GLU A 136 3.60 40.41 16.06
C GLU A 136 2.53 39.33 15.83
N TRP A 137 1.27 39.68 16.07
CA TRP A 137 0.17 38.75 15.84
C TRP A 137 0.06 38.37 14.37
N MET A 138 0.41 39.33 13.49
CA MET A 138 0.35 39.10 12.05
C MET A 138 1.27 37.95 11.66
N VAL A 139 2.54 38.11 11.98
CA VAL A 139 3.52 37.08 11.68
C VAL A 139 3.09 35.72 12.24
N GLN A 140 2.70 35.67 13.53
CA GLN A 140 2.25 34.42 14.16
C GLN A 140 1.17 33.69 13.35
N LEU A 141 0.15 34.45 12.98
CA LEU A 141 -0.98 33.91 12.24
C LEU A 141 -0.48 33.29 10.96
N CYS A 142 0.63 33.83 10.45
CA CYS A 142 1.33 33.31 9.27
C CYS A 142 2.37 32.24 9.60
N GLY A 143 2.28 31.65 10.79
CA GLY A 143 3.20 30.60 11.23
C GLY A 143 4.57 31.02 11.75
N ALA A 144 4.75 32.28 12.11
CA ALA A 144 6.06 32.70 12.62
C ALA A 144 6.19 32.54 14.15
N SER A 145 7.43 32.48 14.62
CA SER A 145 7.75 32.39 16.04
C SER A 145 8.22 33.76 16.54
N VAL A 146 7.58 34.29 17.57
CA VAL A 146 7.83 35.67 18.01
C VAL A 146 8.88 35.78 19.11
N VAL A 147 9.93 36.52 18.81
CA VAL A 147 11.02 36.75 19.75
C VAL A 147 10.99 38.20 20.23
N LYS A 148 10.91 38.40 21.55
CA LYS A 148 10.84 39.75 22.09
C LYS A 148 12.21 40.44 22.07
N GLU A 149 13.25 39.68 22.38
CA GLU A 149 14.59 40.26 22.52
C GLU A 149 15.56 39.69 21.52
N LEU A 150 16.55 40.49 21.13
CA LEU A 150 17.56 40.02 20.21
C LEU A 150 18.33 38.85 20.84
N SER A 151 18.41 38.86 22.17
CA SER A 151 19.10 37.81 22.90
C SER A 151 18.31 36.50 22.86
N SER A 152 16.99 36.63 22.73
CA SER A 152 16.08 35.48 22.85
C SER A 152 16.07 34.57 21.62
N PHE A 153 16.88 34.94 20.63
CA PHE A 153 16.99 34.17 19.39
C PHE A 153 17.56 32.76 19.62
N THR A 154 16.72 31.77 19.33
CA THR A 154 17.08 30.35 19.46
C THR A 154 18.21 29.94 18.54
N LEU A 155 19.33 29.51 19.12
CA LEU A 155 20.51 29.13 18.36
C LEU A 155 20.55 27.64 18.00
N GLY A 156 20.98 27.35 16.78
CA GLY A 156 21.00 26.00 16.25
C GLY A 156 20.91 25.98 14.73
N VAL A 159 15.72 26.44 12.96
CA VAL A 159 15.04 27.72 12.75
C VAL A 159 15.98 28.79 12.18
N HIS A 160 15.39 29.76 11.48
CA HIS A 160 16.11 30.92 10.97
C HIS A 160 15.55 32.21 11.58
N PRO A 161 16.45 33.12 12.01
CA PRO A 161 16.05 34.37 12.68
C PRO A 161 15.91 35.56 11.71
N ILE A 162 14.98 36.48 12.02
CA ILE A 162 14.80 37.69 11.23
C ILE A 162 14.35 38.87 12.09
N VAL A 163 15.15 39.94 12.09
CA VAL A 163 14.79 41.16 12.78
C VAL A 163 14.03 42.10 11.83
N VAL A 164 12.83 42.51 12.20
CA VAL A 164 12.03 43.41 11.37
C VAL A 164 11.94 44.80 11.99
N VAL A 165 12.35 45.83 11.24
CA VAL A 165 12.26 47.22 11.72
C VAL A 165 11.67 48.19 10.71
N GLN A 166 11.13 49.30 11.20
CA GLN A 166 10.64 50.39 10.37
C GLN A 166 11.51 51.61 10.58
N PRO A 167 12.57 51.76 9.77
CA PRO A 167 13.56 52.81 10.02
C PRO A 167 13.02 54.24 10.10
N ASP A 168 11.80 54.48 9.61
CA ASP A 168 11.15 55.79 9.72
C ASP A 168 10.97 56.18 11.17
N ALA A 169 10.45 55.23 11.95
CA ALA A 169 10.07 55.46 13.34
C ALA A 169 11.23 55.90 14.20
N TRP A 170 12.45 55.59 13.76
CA TRP A 170 13.64 55.91 14.52
C TRP A 170 13.93 57.42 14.55
N THR A 171 13.39 58.06 15.59
CA THR A 171 13.57 59.48 15.88
C THR A 171 15.03 59.94 15.87
N GLU A 172 15.77 59.56 16.90
CA GLU A 172 17.10 60.11 17.11
C GLU A 172 18.21 59.11 16.82
N ASP A 173 17.89 58.06 16.07
CA ASP A 173 18.84 56.98 15.85
C ASP A 173 19.04 56.59 14.39
N ASN A 174 20.30 56.31 14.07
CA ASN A 174 20.66 55.56 12.87
C ASN A 174 20.89 54.12 13.33
N GLY A 175 20.43 53.87 14.56
CA GLY A 175 20.68 52.63 15.27
C GLY A 175 20.22 51.39 14.55
N PHE A 176 19.38 51.55 13.52
CA PHE A 176 18.96 50.40 12.74
C PHE A 176 20.12 49.82 11.91
N HIS A 177 21.24 50.52 11.85
CA HIS A 177 22.42 49.95 11.19
C HIS A 177 23.34 49.19 12.18
N ALA A 178 23.01 49.29 13.48
CA ALA A 178 23.83 48.68 14.53
C ALA A 178 23.30 47.30 14.95
N ILE A 179 22.06 47.02 14.60
CA ILE A 179 21.39 45.76 14.93
C ILE A 179 22.22 44.50 14.62
N GLY A 180 22.82 44.45 13.43
CA GLY A 180 23.62 43.31 13.02
C GLY A 180 24.67 42.89 14.04
N GLN A 181 25.18 43.86 14.79
CA GLN A 181 26.20 43.62 15.80
C GLN A 181 25.68 42.72 16.93
N MET A 182 24.53 43.08 17.47
CA MET A 182 23.96 42.41 18.64
C MET A 182 23.31 41.08 18.33
N CYS A 183 23.40 40.62 17.08
CA CYS A 183 22.93 39.29 16.72
C CYS A 183 23.15 38.92 15.24
N GLU A 184 23.56 37.67 15.02
CA GLU A 184 23.78 37.13 13.68
C GLU A 184 22.45 36.82 12.98
N ALA A 185 21.76 37.86 12.52
CA ALA A 185 20.49 37.67 11.84
C ALA A 185 20.31 38.74 10.79
N PRO A 186 19.54 38.45 9.74
CA PRO A 186 19.13 39.39 8.68
C PRO A 186 18.27 40.53 9.23
N VAL A 187 18.51 41.75 8.78
CA VAL A 187 17.66 42.85 9.18
C VAL A 187 16.88 43.43 7.99
N VAL A 188 15.57 43.51 8.12
CA VAL A 188 14.70 43.91 7.02
C VAL A 188 13.64 44.92 7.45
N THR A 189 13.19 45.77 6.53
CA THR A 189 12.13 46.71 6.82
C THR A 189 10.79 46.00 6.89
N ARG A 190 9.85 46.62 7.61
CA ARG A 190 8.49 46.12 7.76
C ARG A 190 7.80 45.81 6.43
N LYS A 191 8.19 46.50 5.37
CA LYS A 191 7.65 46.23 4.05
C LYS A 191 7.85 44.77 3.66
N TRP A 192 8.89 44.12 4.18
CA TRP A 192 9.04 42.69 3.97
C TRP A 192 7.82 41.92 4.49
N VAL A 193 7.51 42.10 5.78
CA VAL A 193 6.32 41.45 6.34
C VAL A 193 5.07 41.76 5.52
N LEU A 194 4.87 43.05 5.28
CA LEU A 194 3.66 43.51 4.61
C LEU A 194 3.49 42.94 3.18
N ASP A 195 4.48 43.17 2.31
CA ASP A 195 4.47 42.60 0.95
C ASP A 195 4.24 41.08 0.94
N SER A 196 4.87 40.37 1.87
CA SER A 196 4.68 38.92 1.97
C SER A 196 3.26 38.56 2.36
N VAL A 197 2.69 39.29 3.32
CA VAL A 197 1.38 38.93 3.80
C VAL A 197 0.30 39.24 2.75
N ALA A 198 0.39 40.40 2.12
CA ALA A 198 -0.61 40.74 1.11
C ALA A 198 -0.62 39.73 -0.06
N LEU A 199 0.56 39.35 -0.57
CA LEU A 199 0.66 38.36 -1.65
C LEU A 199 0.51 36.93 -1.16
N TYR A 200 0.39 36.76 0.15
CA TYR A 200 0.56 35.46 0.82
C TYR A 200 1.62 34.58 0.15
N GLN A 201 2.81 35.14 0.01
CA GLN A 201 3.96 34.42 -0.47
C GLN A 201 5.18 35.05 0.20
N CYS A 202 6.03 34.22 0.77
CA CYS A 202 7.18 34.71 1.49
C CYS A 202 8.26 35.31 0.55
N GLN A 203 8.46 36.62 0.64
CA GLN A 203 9.40 37.34 -0.23
C GLN A 203 10.86 37.06 0.07
N GLU A 204 11.71 37.09 -0.96
CA GLU A 204 13.15 37.08 -0.71
C GLU A 204 13.53 38.37 0.03
N LEU A 205 14.44 38.22 0.98
CA LEU A 205 14.90 39.32 1.84
C LEU A 205 15.78 40.33 1.09
N ASP A 206 16.47 39.89 0.03
CA ASP A 206 17.44 40.73 -0.68
C ASP A 206 17.01 42.21 -0.87
N THR A 207 15.80 42.43 -1.36
CA THR A 207 15.31 43.80 -1.60
C THR A 207 15.10 44.64 -0.34
N TYR A 208 14.73 43.97 0.75
CA TYR A 208 14.28 44.64 1.96
C TYR A 208 15.39 44.80 3.00
N LEU A 209 16.56 44.24 2.74
CA LEU A 209 17.63 44.27 3.72
C LEU A 209 18.05 45.70 4.07
N ILE A 210 18.36 45.92 5.33
CA ILE A 210 18.89 47.19 5.80
C ILE A 210 20.39 47.07 5.94
N PRO A 211 21.12 48.00 5.31
CA PRO A 211 22.57 48.03 5.46
C PRO A 211 22.99 47.99 6.94
N GLN A 212 24.03 47.24 7.25
CA GLN A 212 24.51 47.11 8.62
C GLN A 212 25.97 47.56 8.76
N ILE A 213 26.30 48.11 9.92
CA ILE A 213 27.68 48.49 10.19
C ILE A 213 28.34 47.52 11.17
N PRO A 214 29.43 46.87 10.73
CA PRO A 214 30.20 45.93 11.56
C PRO A 214 31.10 46.66 12.55
N ASN B 2 -14.27 -17.30 -8.29
CA ASN B 2 -14.55 -16.26 -7.30
C ASN B 2 -14.68 -14.83 -7.88
N LYS B 3 -13.94 -13.86 -7.34
CA LYS B 3 -14.00 -12.50 -7.86
C LYS B 3 -13.24 -12.45 -9.16
N ARG B 4 -13.65 -11.55 -10.06
CA ARG B 4 -12.93 -11.33 -11.30
C ARG B 4 -12.34 -9.92 -11.34
N MET B 5 -11.02 -9.83 -11.41
CA MET B 5 -10.35 -8.55 -11.62
C MET B 5 -11.06 -7.67 -12.64
N SER B 6 -11.43 -6.46 -12.23
CA SER B 6 -11.96 -5.46 -13.13
C SER B 6 -11.23 -4.15 -12.83
N MET B 7 -10.79 -3.45 -13.87
CA MET B 7 -10.08 -2.19 -13.67
C MET B 7 -10.89 -0.96 -14.09
N VAL B 8 -10.42 0.20 -13.65
CA VAL B 8 -10.67 1.47 -14.33
C VAL B 8 -9.37 2.25 -14.30
N VAL B 9 -9.24 3.24 -15.19
CA VAL B 9 -8.07 4.13 -15.20
C VAL B 9 -8.52 5.56 -14.89
N SER B 10 -7.59 6.38 -14.41
CA SER B 10 -7.89 7.76 -14.10
C SER B 10 -6.67 8.65 -14.30
N GLY B 11 -6.86 9.77 -15.00
CA GLY B 11 -5.81 10.74 -15.25
C GLY B 11 -4.93 10.38 -16.44
N LEU B 12 -5.43 9.51 -17.30
CA LEU B 12 -4.65 9.05 -18.45
C LEU B 12 -4.91 9.82 -19.74
N THR B 13 -3.85 9.95 -20.54
CA THR B 13 -3.97 10.42 -21.92
C THR B 13 -4.52 9.31 -22.79
N PRO B 14 -5.27 9.68 -23.84
CA PRO B 14 -5.77 8.72 -24.84
C PRO B 14 -4.68 7.75 -25.28
N GLU B 15 -3.43 8.23 -25.37
CA GLU B 15 -2.29 7.42 -25.76
C GLU B 15 -1.92 6.39 -24.67
N GLU B 16 -1.96 6.85 -23.41
CA GLU B 16 -1.68 5.99 -22.26
C GLU B 16 -2.85 5.05 -21.97
N PHE B 17 -4.05 5.47 -22.38
CA PHE B 17 -5.20 4.61 -22.19
C PHE B 17 -5.06 3.39 -23.06
N MET B 18 -4.71 3.62 -24.33
CA MET B 18 -4.48 2.52 -25.26
C MET B 18 -3.51 1.48 -24.70
N LEU B 19 -2.38 1.93 -24.15
CA LEU B 19 -1.44 1.02 -23.47
C LEU B 19 -2.12 0.08 -22.46
N VAL B 20 -2.99 0.64 -21.62
CA VAL B 20 -3.75 -0.14 -20.64
C VAL B 20 -4.82 -1.03 -21.31
N TYR B 21 -5.50 -0.48 -22.32
CA TYR B 21 -6.47 -1.23 -23.11
C TYR B 21 -5.84 -2.47 -23.72
N LYS B 22 -4.70 -2.27 -24.39
CA LYS B 22 -3.94 -3.37 -24.99
C LYS B 22 -3.53 -4.35 -23.90
N PHE B 23 -2.84 -3.82 -22.88
CA PHE B 23 -2.46 -4.59 -21.69
C PHE B 23 -3.61 -5.46 -21.17
N ALA B 24 -4.73 -4.83 -20.83
CA ALA B 24 -5.90 -5.55 -20.34
C ALA B 24 -6.39 -6.67 -21.26
N ARG B 25 -6.55 -6.41 -22.55
CA ARG B 25 -7.01 -7.43 -23.50
C ARG B 25 -6.01 -8.59 -23.66
N LYS B 26 -4.72 -8.31 -23.47
CA LYS B 26 -3.68 -9.34 -23.51
C LYS B 26 -3.78 -10.29 -22.31
N HIS B 27 -3.89 -9.72 -21.12
CA HIS B 27 -3.93 -10.50 -19.89
C HIS B 27 -5.35 -10.83 -19.44
N HIS B 28 -6.33 -10.59 -20.31
CA HIS B 28 -7.74 -10.91 -20.04
C HIS B 28 -8.33 -10.25 -18.77
N ILE B 29 -7.93 -9.00 -18.53
CA ILE B 29 -8.45 -8.24 -17.41
C ILE B 29 -9.58 -7.32 -17.87
N THR B 30 -10.79 -7.57 -17.38
CA THR B 30 -11.91 -6.68 -17.61
C THR B 30 -11.49 -5.23 -17.34
N LEU B 31 -11.70 -4.34 -18.31
CA LEU B 31 -11.42 -2.91 -18.12
C LEU B 31 -12.66 -2.10 -18.47
N THR B 32 -12.99 -1.09 -17.64
CA THR B 32 -14.25 -0.37 -17.81
C THR B 32 -14.19 1.16 -17.65
N ASN B 33 -15.24 1.84 -18.11
CA ASN B 33 -15.37 3.29 -18.00
C ASN B 33 -15.70 3.72 -16.59
N LEU B 34 -16.77 3.15 -16.06
CA LEU B 34 -17.25 3.60 -14.75
C LEU B 34 -16.86 2.66 -13.63
N ILE B 35 -16.51 3.23 -12.50
CA ILE B 35 -16.15 2.44 -11.35
C ILE B 35 -17.44 1.91 -10.72
N THR B 36 -17.36 0.70 -10.13
CA THR B 36 -18.50 0.06 -9.48
C THR B 36 -18.03 -0.86 -8.37
N GLU B 37 -18.96 -1.62 -7.80
CA GLU B 37 -18.65 -2.60 -6.76
C GLU B 37 -17.67 -3.62 -7.32
N GLU B 38 -17.93 -4.05 -8.56
CA GLU B 38 -17.15 -5.11 -9.21
C GLU B 38 -15.72 -4.69 -9.49
N THR B 39 -15.48 -3.38 -9.50
CA THR B 39 -14.13 -2.87 -9.70
C THR B 39 -13.24 -3.27 -8.54
N THR B 40 -12.06 -3.76 -8.87
CA THR B 40 -11.12 -4.23 -7.86
C THR B 40 -9.86 -3.40 -7.93
N HIS B 41 -9.65 -2.75 -9.07
CA HIS B 41 -8.44 -1.98 -9.27
C HIS B 41 -8.68 -0.62 -9.90
N VAL B 42 -7.92 0.37 -9.46
CA VAL B 42 -7.97 1.71 -10.00
C VAL B 42 -6.54 2.13 -10.33
N VAL B 43 -6.22 2.18 -11.63
CA VAL B 43 -4.89 2.59 -12.08
C VAL B 43 -4.87 4.11 -12.21
N MET B 44 -3.98 4.77 -11.49
CA MET B 44 -3.92 6.24 -11.48
C MET B 44 -2.66 6.70 -12.17
N LYS B 45 -2.77 7.76 -12.96
CA LYS B 45 -1.57 8.44 -13.41
C LYS B 45 -0.85 8.95 -12.15
N THR B 46 0.45 8.68 -12.01
CA THR B 46 1.21 9.20 -10.87
C THR B 46 2.58 9.75 -11.29
N ASP B 47 3.26 10.47 -10.40
CA ASP B 47 4.65 10.86 -10.65
C ASP B 47 5.61 9.73 -10.28
N ALA B 48 6.91 10.01 -10.26
CA ALA B 48 7.90 8.99 -9.92
C ALA B 48 7.68 8.35 -8.53
N GLU B 49 7.13 9.11 -7.59
CA GLU B 49 7.01 8.63 -6.21
C GLU B 49 5.62 8.05 -5.87
N PHE B 50 4.81 7.81 -6.91
CA PHE B 50 3.46 7.23 -6.75
C PHE B 50 2.41 8.19 -6.19
N VAL B 51 2.66 9.48 -6.41
CA VAL B 51 1.73 10.51 -5.99
C VAL B 51 0.88 10.97 -7.18
N CYS B 52 -0.44 10.93 -7.00
CA CYS B 52 -1.36 11.27 -8.08
C CYS B 52 -2.14 12.55 -7.79
N GLU B 53 -2.99 12.91 -8.74
CA GLU B 53 -3.97 13.97 -8.58
C GLU B 53 -5.27 13.35 -8.10
N ARG B 54 -6.08 14.13 -7.38
CA ARG B 54 -7.32 13.61 -6.81
C ARG B 54 -8.48 13.76 -7.81
N THR B 55 -9.05 12.62 -8.19
CA THR B 55 -10.17 12.60 -9.12
C THR B 55 -11.28 11.74 -8.55
N LEU B 56 -12.49 11.86 -9.07
CA LEU B 56 -13.60 11.06 -8.55
C LEU B 56 -13.24 9.56 -8.44
N LYS B 57 -12.46 9.05 -9.38
CA LYS B 57 -12.11 7.63 -9.36
C LYS B 57 -11.22 7.27 -8.16
N TYR B 58 -10.27 8.15 -7.87
CA TYR B 58 -9.39 8.03 -6.70
C TYR B 58 -10.16 8.02 -5.37
N PHE B 59 -11.08 8.97 -5.18
CA PHE B 59 -11.93 8.99 -4.00
C PHE B 59 -12.79 7.75 -3.86
N LEU B 60 -13.34 7.25 -4.96
CA LEU B 60 -14.24 6.10 -4.86
C LEU B 60 -13.47 4.77 -4.75
N GLY B 61 -12.24 4.76 -5.25
CA GLY B 61 -11.38 3.60 -5.17
C GLY B 61 -10.86 3.43 -3.76
N ILE B 62 -10.62 4.54 -3.08
CA ILE B 62 -10.22 4.52 -1.67
C ILE B 62 -11.43 4.20 -0.79
N ALA B 63 -12.57 4.84 -1.07
CA ALA B 63 -13.82 4.64 -0.32
C ALA B 63 -14.25 3.18 -0.26
N GLY B 64 -14.03 2.45 -1.35
CA GLY B 64 -14.36 1.04 -1.39
C GLY B 64 -13.22 0.12 -0.99
N GLY B 65 -12.14 0.70 -0.46
CA GLY B 65 -10.98 -0.08 -0.06
C GLY B 65 -10.44 -0.97 -1.17
N LYS B 66 -10.37 -0.40 -2.38
CA LYS B 66 -9.90 -1.11 -3.56
C LYS B 66 -8.37 -1.01 -3.72
N TRP B 67 -7.84 -1.63 -4.76
CA TRP B 67 -6.42 -1.50 -5.08
C TRP B 67 -6.13 -0.25 -5.89
N VAL B 68 -5.47 0.72 -5.29
CA VAL B 68 -5.20 1.96 -5.99
C VAL B 68 -3.72 2.06 -6.29
N VAL B 69 -3.38 1.72 -7.53
CA VAL B 69 -2.00 1.49 -7.93
C VAL B 69 -1.60 2.44 -9.02
N SER B 70 -0.31 2.71 -9.10
CA SER B 70 0.22 3.61 -10.13
C SER B 70 0.14 2.99 -11.52
N TYR B 71 0.00 3.85 -12.53
CA TYR B 71 0.07 3.43 -13.93
C TYR B 71 1.46 2.91 -14.33
N PHE B 72 2.49 3.32 -13.56
CA PHE B 72 3.83 2.76 -13.73
C PHE B 72 3.81 1.25 -13.58
N TRP B 73 2.75 0.73 -12.97
CA TRP B 73 2.62 -0.71 -12.85
C TRP B 73 2.43 -1.30 -14.23
N VAL B 74 1.50 -0.75 -14.99
CA VAL B 74 1.30 -1.19 -16.37
C VAL B 74 2.56 -1.05 -17.24
N THR B 75 3.09 0.17 -17.35
CA THR B 75 4.28 0.40 -18.15
C THR B 75 5.42 -0.56 -17.80
N GLN B 76 5.77 -0.62 -16.51
CA GLN B 76 6.76 -1.56 -16.00
C GLN B 76 6.49 -2.99 -16.47
N SER B 77 5.27 -3.47 -16.22
CA SER B 77 4.87 -4.82 -16.59
C SER B 77 5.04 -5.09 -18.07
N ILE B 78 4.69 -4.12 -18.89
CA ILE B 78 4.90 -4.18 -20.33
C ILE B 78 6.39 -4.34 -20.64
N LYS B 79 7.20 -3.40 -20.14
CA LYS B 79 8.66 -3.40 -20.33
C LYS B 79 9.40 -4.65 -19.84
N GLU B 80 8.73 -5.51 -19.07
CA GLU B 80 9.36 -6.71 -18.54
C GLU B 80 8.63 -7.99 -18.97
N ARG B 81 7.63 -7.84 -19.83
CA ARG B 81 6.93 -8.95 -20.46
C ARG B 81 6.13 -9.83 -19.48
N LYS B 82 6.15 -9.47 -18.20
CA LYS B 82 5.35 -10.18 -17.19
C LYS B 82 4.47 -9.18 -16.44
N MET B 83 3.33 -9.65 -15.94
CA MET B 83 2.50 -8.84 -15.03
C MET B 83 3.14 -8.76 -13.64
N LEU B 84 3.64 -7.58 -13.27
CA LEU B 84 4.24 -7.40 -11.97
C LEU B 84 3.18 -7.37 -10.87
N ASN B 85 3.65 -7.54 -9.63
CA ASN B 85 2.80 -7.50 -8.43
C ASN B 85 2.29 -6.08 -8.15
N GLU B 86 0.98 -5.85 -8.32
CA GLU B 86 0.45 -4.50 -8.25
C GLU B 86 0.66 -3.87 -6.87
N HIS B 87 0.65 -4.70 -5.83
CA HIS B 87 0.94 -4.23 -4.47
C HIS B 87 2.18 -3.34 -4.42
N ASP B 88 3.19 -3.64 -5.23
CA ASP B 88 4.43 -2.87 -5.24
C ASP B 88 4.27 -1.47 -5.83
N PHE B 89 3.12 -1.22 -6.46
CA PHE B 89 2.86 0.04 -7.18
C PHE B 89 1.65 0.75 -6.60
N GLU B 90 1.33 0.43 -5.35
CA GLU B 90 0.21 1.05 -4.65
C GLU B 90 0.46 2.53 -4.36
N VAL B 91 -0.51 3.37 -4.69
CA VAL B 91 -0.40 4.83 -4.57
C VAL B 91 -0.07 5.29 -3.16
N ARG B 92 1.00 6.06 -3.03
CA ARG B 92 1.48 6.46 -1.72
C ARG B 92 0.72 7.70 -1.17
N GLY B 93 0.40 8.64 -2.05
CA GLY B 93 -0.36 9.82 -1.67
C GLY B 93 -0.83 10.67 -2.84
N ASP B 94 -1.39 11.85 -2.54
CA ASP B 94 -1.90 12.73 -3.58
C ASP B 94 -1.42 14.17 -3.41
N VAL B 95 -1.44 14.95 -4.48
CA VAL B 95 -0.87 16.30 -4.47
C VAL B 95 -1.52 17.32 -3.50
N VAL B 96 -2.64 16.95 -2.91
CA VAL B 96 -3.39 17.86 -2.03
C VAL B 96 -3.13 17.57 -0.56
N ASN B 97 -3.32 16.31 -0.20
CA ASN B 97 -3.33 15.86 1.19
C ASN B 97 -2.02 15.21 1.65
N GLY B 98 -0.99 15.24 0.82
CA GLY B 98 0.30 14.69 1.21
C GLY B 98 0.88 13.64 0.28
N ARG B 99 2.20 13.65 0.16
CA ARG B 99 2.91 12.73 -0.74
C ARG B 99 2.88 11.27 -0.30
N ASN B 100 2.83 11.04 1.00
CA ASN B 100 2.97 9.70 1.53
C ASN B 100 2.10 9.54 2.78
N HIS B 101 0.79 9.57 2.60
CA HIS B 101 -0.13 9.41 3.73
C HIS B 101 -0.70 8.00 3.76
N GLN B 102 -0.56 7.32 2.63
CA GLN B 102 -1.00 5.94 2.44
C GLN B 102 -2.49 5.73 2.72
N GLY B 103 -3.31 6.73 2.37
CA GLY B 103 -4.76 6.59 2.39
C GLY B 103 -5.30 5.33 1.73
N PRO B 104 -4.83 5.03 0.50
CA PRO B 104 -5.28 3.78 -0.14
C PRO B 104 -4.96 2.53 0.69
N LYS B 105 -3.69 2.33 1.06
CA LYS B 105 -3.36 1.20 1.94
C LYS B 105 -4.27 1.19 3.16
N ARG B 106 -4.28 2.30 3.89
CA ARG B 106 -5.09 2.46 5.08
C ARG B 106 -6.53 1.95 4.91
N ALA B 107 -7.22 2.44 3.89
CA ALA B 107 -8.63 2.06 3.68
C ALA B 107 -8.79 0.58 3.36
N ARG B 108 -7.80 0.02 2.67
CA ARG B 108 -7.81 -1.41 2.36
C ARG B 108 -7.84 -2.29 3.60
N GLU B 109 -7.14 -1.86 4.65
CA GLU B 109 -7.03 -2.63 5.89
C GLU B 109 -8.13 -2.27 6.88
N SER B 110 -8.63 -1.04 6.77
CA SER B 110 -9.56 -0.52 7.77
C SER B 110 -11.03 -0.66 7.38
N GLN B 111 -11.33 -1.62 6.51
CA GLN B 111 -12.71 -1.81 6.06
C GLN B 111 -13.64 -2.21 7.20
N ASP B 112 -13.07 -2.83 8.25
CA ASP B 112 -13.84 -3.22 9.44
C ASP B 112 -14.23 -2.04 10.33
N ARG B 113 -13.42 -0.99 10.36
CA ARG B 113 -13.79 0.23 11.09
C ARG B 113 -13.83 1.48 10.16
N LYS B 114 -15.01 1.74 9.60
CA LYS B 114 -15.13 2.74 8.55
C LYS B 114 -15.13 4.18 9.06
N ILE B 115 -14.39 5.05 8.39
CA ILE B 115 -14.17 6.41 8.90
C ILE B 115 -15.45 7.18 9.27
N PHE B 116 -16.59 6.77 8.70
CA PHE B 116 -17.83 7.50 8.93
C PHE B 116 -18.89 6.69 9.67
N ARG B 117 -18.47 5.69 10.45
CA ARG B 117 -19.40 4.92 11.28
C ARG B 117 -20.32 5.86 12.01
N GLY B 118 -21.59 5.49 12.10
CA GLY B 118 -22.55 6.22 12.92
C GLY B 118 -22.75 7.69 12.64
N LEU B 119 -22.29 8.15 11.48
CA LEU B 119 -22.61 9.49 11.02
C LEU B 119 -23.77 9.41 10.05
N GLU B 120 -24.71 10.34 10.18
CA GLU B 120 -25.69 10.57 9.15
C GLU B 120 -25.26 11.80 8.39
N ILE B 121 -25.05 11.66 7.09
CA ILE B 121 -24.70 12.82 6.29
C ILE B 121 -25.83 13.26 5.36
N CYS B 122 -26.02 14.57 5.25
CA CYS B 122 -26.86 15.13 4.19
C CYS B 122 -26.03 15.95 3.23
N CYS B 123 -26.01 15.51 1.98
CA CYS B 123 -25.39 16.28 0.91
C CYS B 123 -26.38 17.36 0.38
N TYR B 124 -26.23 18.58 0.91
CA TYR B 124 -27.17 19.68 0.69
C TYR B 124 -26.72 20.49 -0.54
N GLY B 125 -27.26 20.10 -1.70
CA GLY B 125 -26.85 20.64 -2.99
C GLY B 125 -26.90 22.14 -2.96
N PRO B 126 -26.40 22.81 -4.01
CA PRO B 126 -25.84 22.33 -5.28
C PRO B 126 -24.38 21.94 -5.20
N PHE B 127 -23.91 21.20 -6.23
CA PHE B 127 -22.50 20.81 -6.36
C PHE B 127 -22.03 20.89 -7.81
N THR B 128 -20.71 20.87 -8.00
CA THR B 128 -20.12 20.93 -9.32
C THR B 128 -18.91 20.00 -9.41
N ASN B 129 -18.71 19.39 -10.59
CA ASN B 129 -17.57 18.53 -10.90
C ASN B 129 -17.65 17.16 -10.27
N MET B 130 -18.77 16.88 -9.63
CA MET B 130 -18.94 15.65 -8.91
C MET B 130 -20.39 15.53 -8.51
N PRO B 131 -21.17 14.75 -9.27
CA PRO B 131 -22.61 14.60 -9.02
C PRO B 131 -22.91 14.26 -7.55
N THR B 132 -24.05 14.75 -7.06
CA THR B 132 -24.43 14.53 -5.67
C THR B 132 -24.42 13.02 -5.26
N ASP B 133 -25.08 12.20 -6.06
CA ASP B 133 -25.13 10.76 -5.80
C ASP B 133 -23.74 10.13 -5.73
N GLN B 134 -22.75 10.75 -6.37
CA GLN B 134 -21.39 10.24 -6.29
C GLN B 134 -20.81 10.50 -4.91
N LEU B 135 -20.89 11.76 -4.45
CA LEU B 135 -20.57 12.11 -3.06
C LEU B 135 -21.37 11.24 -2.10
N GLU B 136 -22.67 11.07 -2.34
CA GLU B 136 -23.50 10.23 -1.46
C GLU B 136 -22.99 8.77 -1.36
N TRP B 137 -22.69 8.16 -2.51
CA TRP B 137 -22.18 6.79 -2.57
C TRP B 137 -20.83 6.75 -1.88
N MET B 138 -20.04 7.81 -2.08
CA MET B 138 -18.75 7.89 -1.43
C MET B 138 -18.89 7.76 0.11
N VAL B 139 -19.80 8.53 0.70
CA VAL B 139 -19.94 8.47 2.16
C VAL B 139 -20.56 7.17 2.66
N GLN B 140 -21.37 6.50 1.82
CA GLN B 140 -21.89 5.18 2.18
C GLN B 140 -20.79 4.13 2.24
N LEU B 141 -19.86 4.19 1.28
CA LEU B 141 -18.74 3.24 1.21
C LEU B 141 -17.85 3.40 2.43
N CYS B 142 -17.78 4.63 2.93
CA CYS B 142 -17.04 4.91 4.15
C CYS B 142 -17.96 4.74 5.37
N GLY B 143 -19.10 4.10 5.17
CA GLY B 143 -19.95 3.69 6.27
C GLY B 143 -20.96 4.69 6.78
N ALA B 144 -21.14 5.80 6.07
CA ALA B 144 -22.09 6.82 6.50
C ALA B 144 -23.53 6.46 6.10
N SER B 145 -24.47 7.07 6.81
CA SER B 145 -25.88 6.92 6.49
C SER B 145 -26.37 8.17 5.79
N VAL B 146 -26.85 8.01 4.56
CA VAL B 146 -27.24 9.16 3.74
C VAL B 146 -28.66 9.64 4.07
N VAL B 147 -28.79 10.95 4.26
CA VAL B 147 -30.07 11.57 4.56
C VAL B 147 -30.40 12.55 3.43
N LYS B 148 -31.55 12.38 2.79
CA LYS B 148 -31.84 13.14 1.58
C LYS B 148 -32.25 14.60 1.84
N GLU B 149 -32.92 14.82 2.98
CA GLU B 149 -33.47 16.13 3.35
C GLU B 149 -33.04 16.55 4.75
N LEU B 150 -33.11 17.85 5.04
CA LEU B 150 -32.68 18.34 6.35
C LEU B 150 -33.64 17.92 7.49
N SER B 151 -34.91 17.72 7.15
CA SER B 151 -35.90 17.23 8.09
C SER B 151 -35.67 15.76 8.51
N SER B 152 -35.26 14.93 7.54
CA SER B 152 -35.18 13.47 7.72
C SER B 152 -34.14 12.99 8.73
N PHE B 153 -33.27 13.89 9.18
CA PHE B 153 -32.24 13.56 10.18
C PHE B 153 -32.80 12.79 11.39
N THR B 154 -32.14 11.69 11.74
CA THR B 154 -32.57 10.87 12.87
C THR B 154 -32.27 11.51 14.22
N LEU B 155 -33.30 12.09 14.83
CA LEU B 155 -33.21 12.70 16.15
C LEU B 155 -32.85 11.70 17.25
N GLY B 156 -32.38 12.21 18.38
CA GLY B 156 -31.95 11.36 19.48
C GLY B 156 -30.47 11.03 19.41
N THR B 157 -29.88 10.76 20.56
CA THR B 157 -28.45 10.45 20.65
C THR B 157 -28.06 9.27 19.75
N GLY B 158 -26.81 8.84 19.84
CA GLY B 158 -26.33 7.68 19.12
C GLY B 158 -25.93 7.95 17.68
N VAL B 159 -26.60 8.89 17.04
CA VAL B 159 -26.30 9.18 15.63
C VAL B 159 -26.05 10.66 15.39
N HIS B 160 -24.88 10.95 14.82
CA HIS B 160 -24.38 12.30 14.67
C HIS B 160 -24.61 12.84 13.26
N PRO B 161 -25.26 14.00 13.15
CA PRO B 161 -25.67 14.57 11.87
C PRO B 161 -24.63 15.55 11.36
N ILE B 162 -24.38 15.51 10.06
CA ILE B 162 -23.46 16.44 9.44
C ILE B 162 -24.07 16.90 8.12
N VAL B 163 -24.14 18.20 7.92
CA VAL B 163 -24.54 18.70 6.61
C VAL B 163 -23.28 19.09 5.84
N VAL B 164 -23.15 18.58 4.62
CA VAL B 164 -22.00 18.90 3.79
C VAL B 164 -22.47 19.70 2.60
N VAL B 165 -21.87 20.87 2.37
CA VAL B 165 -22.26 21.72 1.25
C VAL B 165 -21.04 22.25 0.49
N GLN B 166 -21.27 22.80 -0.71
CA GLN B 166 -20.18 23.34 -1.52
C GLN B 166 -20.48 24.79 -1.89
N PRO B 167 -19.98 25.73 -1.09
CA PRO B 167 -20.39 27.14 -1.12
C PRO B 167 -20.22 27.84 -2.47
N ASP B 168 -19.20 27.49 -3.25
CA ASP B 168 -19.01 28.01 -4.61
C ASP B 168 -20.24 27.79 -5.46
N ALA B 169 -20.82 26.60 -5.34
CA ALA B 169 -21.99 26.19 -6.12
C ALA B 169 -23.27 26.98 -5.84
N TRP B 170 -23.22 27.97 -4.95
CA TRP B 170 -24.42 28.76 -4.67
C TRP B 170 -24.33 30.08 -5.40
N THR B 171 -25.33 30.36 -6.23
CA THR B 171 -25.28 31.52 -7.09
C THR B 171 -26.48 32.37 -6.78
N GLU B 172 -27.56 31.69 -6.40
CA GLU B 172 -28.81 32.38 -6.11
C GLU B 172 -28.78 33.01 -4.73
N ASP B 173 -28.19 32.31 -3.77
CA ASP B 173 -28.19 32.80 -2.40
C ASP B 173 -26.85 32.74 -1.69
N ASN B 174 -26.76 33.57 -0.66
CA ASN B 174 -25.75 33.49 0.39
C ASN B 174 -26.16 32.35 1.35
N GLY B 175 -27.28 31.70 1.01
CA GLY B 175 -28.03 30.80 1.89
C GLY B 175 -27.38 29.65 2.63
N PHE B 176 -26.07 29.47 2.47
CA PHE B 176 -25.39 28.39 3.15
C PHE B 176 -25.06 28.80 4.59
N HIS B 177 -25.20 30.09 4.88
CA HIS B 177 -25.04 30.59 6.24
C HIS B 177 -26.33 30.40 7.07
N ALA B 178 -27.40 29.96 6.40
CA ALA B 178 -28.73 29.86 7.00
C ALA B 178 -29.21 28.42 7.26
N ILE B 179 -28.39 27.44 6.89
CA ILE B 179 -28.73 26.03 7.07
C ILE B 179 -28.91 25.69 8.56
N GLY B 180 -28.03 26.24 9.40
CA GLY B 180 -28.11 26.04 10.84
C GLY B 180 -29.48 26.28 11.46
N GLN B 181 -30.20 27.26 10.95
CA GLN B 181 -31.57 27.54 11.41
C GLN B 181 -32.50 26.36 11.19
N MET B 182 -32.30 25.65 10.08
CA MET B 182 -33.24 24.61 9.65
C MET B 182 -33.02 23.21 10.28
N CYS B 183 -31.94 23.05 11.05
CA CYS B 183 -31.64 21.80 11.74
C CYS B 183 -30.44 21.98 12.67
N GLU B 184 -30.38 21.14 13.71
CA GLU B 184 -29.31 21.23 14.72
C GLU B 184 -28.17 20.30 14.33
N ALA B 185 -27.34 20.75 13.40
CA ALA B 185 -26.20 19.95 12.97
C ALA B 185 -25.04 20.85 12.55
N PRO B 186 -23.83 20.30 12.55
CA PRO B 186 -22.72 21.08 12.02
C PRO B 186 -22.82 21.20 10.50
N VAL B 187 -22.27 22.28 9.95
CA VAL B 187 -22.28 22.53 8.52
C VAL B 187 -20.85 22.70 8.02
N VAL B 188 -20.39 21.73 7.24
CA VAL B 188 -19.01 21.74 6.74
C VAL B 188 -18.94 21.76 5.22
N THR B 189 -17.83 22.28 4.71
CA THR B 189 -17.52 22.20 3.29
C THR B 189 -17.28 20.75 2.87
N ARG B 190 -17.33 20.54 1.56
CA ARG B 190 -17.15 19.24 0.96
C ARG B 190 -15.70 18.84 1.14
N LYS B 191 -14.83 19.81 1.39
CA LYS B 191 -13.43 19.50 1.60
C LYS B 191 -13.27 18.62 2.82
N TRP B 192 -14.25 18.64 3.71
CA TRP B 192 -14.20 17.74 4.85
C TRP B 192 -14.34 16.27 4.41
N VAL B 193 -15.36 15.96 3.60
CA VAL B 193 -15.50 14.62 3.05
C VAL B 193 -14.29 14.21 2.20
N LEU B 194 -13.88 15.08 1.27
CA LEU B 194 -12.75 14.77 0.41
C LEU B 194 -11.47 14.47 1.19
N ASP B 195 -11.01 15.43 2.00
CA ASP B 195 -9.80 15.26 2.79
C ASP B 195 -9.88 14.02 3.67
N SER B 196 -11.04 13.77 4.26
CA SER B 196 -11.22 12.57 5.06
C SER B 196 -10.99 11.29 4.22
N VAL B 197 -11.75 11.14 3.14
CA VAL B 197 -11.61 9.95 2.32
C VAL B 197 -10.17 9.76 1.82
N ALA B 198 -9.56 10.84 1.34
CA ALA B 198 -8.21 10.75 0.80
C ALA B 198 -7.20 10.22 1.82
N LEU B 199 -7.30 10.69 3.06
CA LEU B 199 -6.42 10.21 4.14
C LEU B 199 -6.91 8.91 4.79
N TYR B 200 -8.15 8.55 4.49
CA TYR B 200 -8.87 7.53 5.24
C TYR B 200 -8.76 7.65 6.77
N GLN B 201 -8.87 8.89 7.22
CA GLN B 201 -9.08 9.17 8.63
C GLN B 201 -10.05 10.36 8.69
N CYS B 202 -11.16 10.16 9.41
CA CYS B 202 -12.12 11.21 9.66
C CYS B 202 -11.40 12.43 10.18
N GLN B 203 -11.63 13.60 9.58
CA GLN B 203 -10.93 14.82 10.00
C GLN B 203 -11.75 15.61 11.01
N GLU B 204 -11.09 16.51 11.73
CA GLU B 204 -11.81 17.36 12.69
C GLU B 204 -12.59 18.44 11.95
N LEU B 205 -13.89 18.52 12.25
CA LEU B 205 -14.82 19.46 11.60
C LEU B 205 -14.40 20.94 11.69
N ASP B 206 -13.78 21.29 12.81
CA ASP B 206 -13.31 22.64 13.12
C ASP B 206 -12.98 23.52 11.90
N THR B 207 -11.93 23.15 11.16
CA THR B 207 -11.41 23.96 10.06
C THR B 207 -12.29 24.02 8.79
N TYR B 208 -13.19 23.05 8.64
CA TYR B 208 -14.07 23.02 7.48
C TYR B 208 -15.41 23.65 7.74
N LEU B 209 -15.63 24.15 8.97
CA LEU B 209 -16.97 24.63 9.37
C LEU B 209 -17.36 25.93 8.65
N ILE B 210 -18.61 25.97 8.17
CA ILE B 210 -19.19 27.16 7.54
C ILE B 210 -19.93 28.01 8.57
N PRO B 211 -19.45 29.24 8.80
CA PRO B 211 -20.11 30.10 9.79
C PRO B 211 -21.60 30.25 9.50
N GLN B 212 -22.43 30.07 10.52
CA GLN B 212 -23.88 30.22 10.39
C GLN B 212 -24.40 31.57 10.90
N ILE B 213 -25.68 31.82 10.61
CA ILE B 213 -26.39 33.02 11.04
C ILE B 213 -27.67 32.54 11.71
N PRO B 214 -27.98 33.07 12.92
CA PRO B 214 -29.07 32.53 13.74
C PRO B 214 -30.49 33.00 13.39
N ASN C 2 -0.35 -39.80 32.88
CA ASN C 2 -0.91 -38.51 33.31
C ASN C 2 -0.28 -37.28 32.62
N LYS C 3 -1.13 -36.37 32.14
CA LYS C 3 -0.73 -35.15 31.43
C LYS C 3 0.23 -34.27 32.23
N ARG C 4 1.19 -33.64 31.55
CA ARG C 4 2.15 -32.74 32.22
C ARG C 4 2.02 -31.28 31.75
N MET C 5 2.01 -30.36 32.71
CA MET C 5 1.93 -28.93 32.40
C MET C 5 3.16 -28.44 31.67
N SER C 6 2.98 -28.04 30.41
CA SER C 6 4.05 -27.48 29.59
C SER C 6 3.68 -26.08 29.04
N MET C 7 4.50 -25.08 29.36
CA MET C 7 4.28 -23.71 28.88
C MET C 7 5.18 -23.32 27.73
N VAL C 8 4.73 -22.35 26.93
CA VAL C 8 5.63 -21.58 26.08
C VAL C 8 5.21 -20.11 26.18
N VAL C 9 6.16 -19.19 26.12
CA VAL C 9 5.83 -17.76 26.20
C VAL C 9 5.89 -17.11 24.83
N SER C 10 5.26 -15.94 24.73
CA SER C 10 5.21 -15.19 23.49
C SER C 10 5.00 -13.71 23.79
N GLY C 11 5.71 -12.86 23.05
CA GLY C 11 5.60 -11.43 23.22
C GLY C 11 6.35 -10.94 24.44
N LEU C 12 7.30 -11.72 24.92
CA LEU C 12 8.05 -11.36 26.13
C LEU C 12 9.43 -10.81 25.85
N THR C 13 9.77 -9.71 26.50
CA THR C 13 11.14 -9.22 26.49
C THR C 13 11.94 -10.18 27.38
N PRO C 14 13.23 -10.36 27.07
CA PRO C 14 14.09 -11.29 27.83
C PRO C 14 14.02 -11.08 29.35
N GLU C 15 13.91 -9.84 29.81
CA GLU C 15 13.76 -9.55 31.24
C GLU C 15 12.47 -10.17 31.75
N GLU C 16 11.40 -10.03 30.97
CA GLU C 16 10.12 -10.63 31.30
C GLU C 16 10.21 -12.15 31.24
N PHE C 17 10.92 -12.65 30.24
CA PHE C 17 11.14 -14.09 30.13
C PHE C 17 11.86 -14.63 31.37
N MET C 18 12.83 -13.87 31.87
CA MET C 18 13.56 -14.26 33.07
C MET C 18 12.62 -14.57 34.23
N LEU C 19 11.59 -13.75 34.39
CA LEU C 19 10.62 -14.01 35.44
C LEU C 19 9.89 -15.32 35.19
N VAL C 20 9.50 -15.57 33.94
CA VAL C 20 8.81 -16.81 33.62
C VAL C 20 9.70 -18.02 33.89
N TYR C 21 11.00 -17.86 33.63
CA TYR C 21 11.96 -18.93 33.86
C TYR C 21 12.06 -19.22 35.36
N LYS C 22 12.40 -18.19 36.14
CA LYS C 22 12.46 -18.31 37.60
C LYS C 22 11.16 -18.87 38.15
N PHE C 23 10.04 -18.36 37.64
CA PHE C 23 8.71 -18.82 38.04
C PHE C 23 8.53 -20.31 37.76
N ALA C 24 9.02 -20.76 36.61
CA ALA C 24 8.88 -22.16 36.22
C ALA C 24 9.76 -23.08 37.09
N ARG C 25 10.96 -22.62 37.41
CA ARG C 25 11.90 -23.39 38.23
C ARG C 25 11.37 -23.57 39.66
N LYS C 26 10.80 -22.50 40.20
CA LYS C 26 10.22 -22.54 41.55
C LYS C 26 9.07 -23.53 41.67
N HIS C 27 8.32 -23.72 40.59
CA HIS C 27 7.12 -24.55 40.66
C HIS C 27 7.18 -25.83 39.84
N HIS C 28 8.34 -26.10 39.25
CA HIS C 28 8.58 -27.33 38.48
C HIS C 28 7.67 -27.46 37.28
N ILE C 29 7.39 -26.33 36.62
CA ILE C 29 6.63 -26.35 35.39
C ILE C 29 7.60 -26.41 34.21
N THR C 30 7.29 -27.31 33.28
CA THR C 30 8.05 -27.40 32.05
C THR C 30 7.84 -26.14 31.20
N LEU C 31 8.96 -25.60 30.71
CA LEU C 31 8.97 -24.40 29.87
C LEU C 31 9.80 -24.67 28.62
N THR C 32 9.25 -24.39 27.44
CA THR C 32 9.93 -24.74 26.19
C THR C 32 9.96 -23.64 25.13
N ASN C 33 10.87 -23.78 24.18
CA ASN C 33 10.97 -22.90 23.02
C ASN C 33 9.85 -23.12 22.05
N LEU C 34 9.61 -24.38 21.72
CA LEU C 34 8.70 -24.70 20.65
C LEU C 34 7.36 -25.24 21.13
N ILE C 35 6.30 -24.58 20.69
CA ILE C 35 4.96 -25.05 20.95
C ILE C 35 4.84 -26.46 20.34
N THR C 36 4.14 -27.34 21.06
CA THR C 36 4.05 -28.74 20.68
C THR C 36 2.66 -29.24 21.00
N GLU C 37 2.29 -30.39 20.45
CA GLU C 37 1.09 -31.08 20.89
C GLU C 37 1.09 -31.18 22.43
N GLU C 38 2.28 -31.26 23.01
CA GLU C 38 2.42 -31.48 24.46
C GLU C 38 2.22 -30.19 25.25
N THR C 39 2.41 -29.06 24.58
CA THR C 39 2.20 -27.77 25.21
C THR C 39 0.73 -27.56 25.60
N THR C 40 0.50 -27.34 26.89
CA THR C 40 -0.83 -27.16 27.44
C THR C 40 -1.09 -25.68 27.72
N HIS C 41 -0.02 -24.89 27.80
CA HIS C 41 -0.14 -23.45 28.07
C HIS C 41 0.69 -22.52 27.16
N VAL C 42 0.05 -21.44 26.72
CA VAL C 42 0.72 -20.40 25.94
C VAL C 42 0.59 -19.11 26.75
N VAL C 43 1.72 -18.52 27.13
CA VAL C 43 1.69 -17.31 27.95
C VAL C 43 1.87 -16.05 27.09
N MET C 44 0.81 -15.25 26.97
CA MET C 44 0.81 -14.09 26.08
C MET C 44 1.01 -12.74 26.79
N LYS C 45 1.98 -11.96 26.32
CA LYS C 45 2.09 -10.58 26.76
C LYS C 45 0.83 -9.83 26.34
N THR C 46 0.18 -9.16 27.28
CA THR C 46 -1.08 -8.49 26.98
C THR C 46 -1.17 -7.15 27.68
N ASP C 47 -2.25 -6.41 27.42
CA ASP C 47 -2.54 -5.20 28.18
C ASP C 47 -3.35 -5.55 29.42
N ALA C 48 -3.79 -4.53 30.15
CA ALA C 48 -4.53 -4.74 31.39
C ALA C 48 -5.83 -5.53 31.18
N GLU C 49 -6.34 -5.52 29.94
CA GLU C 49 -7.57 -6.23 29.62
C GLU C 49 -7.36 -7.59 28.94
N PHE C 50 -6.16 -8.14 29.10
CA PHE C 50 -5.87 -9.47 28.56
C PHE C 50 -6.01 -9.50 27.04
N VAL C 51 -5.68 -8.39 26.39
CA VAL C 51 -5.71 -8.29 24.92
C VAL C 51 -4.28 -8.31 24.39
N CYS C 52 -3.99 -9.18 23.45
CA CYS C 52 -2.60 -9.39 23.03
C CYS C 52 -2.34 -9.04 21.57
N GLU C 53 -1.07 -9.03 21.21
CA GLU C 53 -0.69 -8.97 19.81
C GLU C 53 -0.79 -10.37 19.20
N ARG C 54 -1.04 -10.46 17.90
CA ARG C 54 -1.13 -11.77 17.24
C ARG C 54 0.23 -12.24 16.77
N THR C 55 0.70 -13.32 17.38
CA THR C 55 1.95 -13.96 17.00
C THR C 55 1.65 -15.38 16.56
N LEU C 56 2.64 -16.06 16.00
CA LEU C 56 2.44 -17.42 15.54
C LEU C 56 2.02 -18.35 16.70
N LYS C 57 2.68 -18.21 17.85
CA LYS C 57 2.31 -19.03 19.00
C LYS C 57 0.87 -18.76 19.48
N TYR C 58 0.38 -17.55 19.22
CA TYR C 58 -1.00 -17.22 19.57
C TYR C 58 -1.96 -18.05 18.71
N PHE C 59 -1.75 -18.01 17.41
CA PHE C 59 -2.54 -18.81 16.48
C PHE C 59 -2.48 -20.30 16.80
N LEU C 60 -1.28 -20.84 16.99
CA LEU C 60 -1.18 -22.29 17.24
C LEU C 60 -1.70 -22.68 18.62
N GLY C 61 -1.61 -21.74 19.57
CA GLY C 61 -2.22 -21.93 20.87
C GLY C 61 -3.73 -22.15 20.75
N ILE C 62 -4.42 -21.20 20.12
CA ILE C 62 -5.86 -21.30 19.88
C ILE C 62 -6.21 -22.49 18.98
N ALA C 63 -5.49 -22.64 17.88
CA ALA C 63 -5.74 -23.73 16.92
C ALA C 63 -5.90 -25.09 17.60
N GLY C 64 -5.06 -25.31 18.61
CA GLY C 64 -4.97 -26.59 19.28
C GLY C 64 -5.71 -26.66 20.61
N GLY C 65 -6.66 -25.73 20.80
CA GLY C 65 -7.49 -25.71 21.98
C GLY C 65 -6.72 -25.70 23.29
N LYS C 66 -5.61 -24.97 23.32
CA LYS C 66 -4.76 -24.91 24.51
C LYS C 66 -5.21 -23.81 25.48
N TRP C 67 -4.51 -23.66 26.60
CA TRP C 67 -4.79 -22.56 27.52
C TRP C 67 -3.98 -21.31 27.17
N VAL C 68 -4.64 -20.32 26.59
CA VAL C 68 -3.94 -19.10 26.24
C VAL C 68 -4.24 -18.01 27.30
N VAL C 69 -3.24 -17.75 28.14
CA VAL C 69 -3.39 -16.97 29.36
C VAL C 69 -2.40 -15.80 29.42
N SER C 70 -2.81 -14.71 30.06
CA SER C 70 -2.01 -13.50 30.07
C SER C 70 -0.78 -13.60 30.95
N TYR C 71 0.29 -12.95 30.52
CA TYR C 71 1.53 -12.89 31.28
C TYR C 71 1.30 -12.33 32.70
N PHE C 72 0.22 -11.55 32.85
CA PHE C 72 -0.18 -11.02 34.16
C PHE C 72 -0.41 -12.15 35.14
N TRP C 73 -0.81 -13.31 34.62
CA TRP C 73 -0.95 -14.48 35.45
C TRP C 73 0.33 -14.81 36.19
N VAL C 74 1.45 -14.83 35.48
CA VAL C 74 2.74 -15.09 36.11
C VAL C 74 3.10 -14.04 37.16
N THR C 75 3.03 -12.77 36.78
CA THR C 75 3.41 -11.69 37.69
C THR C 75 2.55 -11.65 38.96
N GLN C 76 1.24 -11.78 38.79
CA GLN C 76 0.30 -11.75 39.91
C GLN C 76 0.54 -12.96 40.81
N SER C 77 0.88 -14.09 40.22
CA SER C 77 1.14 -15.30 40.99
C SER C 77 2.47 -15.20 41.75
N ILE C 78 3.35 -14.31 41.27
CA ILE C 78 4.55 -13.94 42.01
C ILE C 78 4.19 -12.98 43.18
N LYS C 79 3.60 -11.84 42.86
CA LYS C 79 3.24 -10.85 43.87
C LYS C 79 2.45 -11.44 45.05
N GLU C 80 1.48 -12.31 44.74
CA GLU C 80 0.65 -12.94 45.75
C GLU C 80 1.33 -14.14 46.40
N ARG C 81 2.54 -14.44 45.94
CA ARG C 81 3.35 -15.52 46.51
C ARG C 81 2.71 -16.90 46.33
N LYS C 82 1.71 -16.98 45.46
CA LYS C 82 0.94 -18.20 45.29
C LYS C 82 0.65 -18.38 43.80
N MET C 83 0.43 -19.63 43.38
CA MET C 83 0.13 -19.90 41.98
C MET C 83 -1.37 -19.76 41.74
N LEU C 84 -1.76 -18.68 41.07
CA LEU C 84 -3.16 -18.37 40.87
C LEU C 84 -3.80 -19.27 39.82
N ASN C 85 -5.12 -19.22 39.74
CA ASN C 85 -5.88 -20.03 38.81
C ASN C 85 -5.79 -19.42 37.41
N GLU C 86 -5.04 -20.06 36.52
CA GLU C 86 -4.75 -19.47 35.21
C GLU C 86 -6.00 -19.25 34.36
N HIS C 87 -7.03 -20.04 34.61
CA HIS C 87 -8.28 -19.91 33.88
C HIS C 87 -8.77 -18.46 33.91
N ASP C 88 -8.60 -17.81 35.05
CA ASP C 88 -9.01 -16.42 35.26
C ASP C 88 -8.27 -15.43 34.35
N PHE C 89 -7.03 -15.74 34.02
CA PHE C 89 -6.21 -14.85 33.20
C PHE C 89 -6.21 -15.27 31.74
N GLU C 90 -7.27 -15.97 31.32
CA GLU C 90 -7.39 -16.39 29.94
C GLU C 90 -7.50 -15.15 29.07
N VAL C 91 -6.77 -15.15 27.94
CA VAL C 91 -6.73 -13.99 27.04
C VAL C 91 -8.07 -13.81 26.32
N ARG C 92 -8.59 -12.58 26.32
CA ARG C 92 -9.94 -12.34 25.84
C ARG C 92 -10.00 -11.94 24.35
N GLY C 93 -8.86 -11.53 23.80
CA GLY C 93 -8.78 -11.20 22.39
C GLY C 93 -7.49 -10.52 21.94
N ASP C 94 -7.50 -9.99 20.73
CA ASP C 94 -6.30 -9.40 20.14
C ASP C 94 -6.56 -8.03 19.51
N VAL C 95 -5.49 -7.27 19.29
CA VAL C 95 -5.60 -5.92 18.73
C VAL C 95 -6.21 -5.90 17.33
N VAL C 96 -6.39 -7.07 16.72
CA VAL C 96 -6.85 -7.14 15.34
C VAL C 96 -8.31 -7.60 15.19
N ASN C 97 -8.63 -8.72 15.83
CA ASN C 97 -9.95 -9.34 15.63
C ASN C 97 -11.01 -8.96 16.65
N GLY C 98 -10.62 -8.22 17.68
CA GLY C 98 -11.57 -7.83 18.69
C GLY C 98 -11.08 -7.93 20.12
N ARG C 99 -11.45 -6.92 20.91
CA ARG C 99 -10.94 -6.79 22.26
C ARG C 99 -11.44 -7.88 23.20
N ASN C 100 -12.55 -8.52 22.82
CA ASN C 100 -13.21 -9.48 23.69
C ASN C 100 -13.93 -10.61 22.96
N HIS C 101 -13.31 -11.14 21.90
CA HIS C 101 -13.99 -12.16 21.08
C HIS C 101 -13.94 -13.53 21.77
N GLN C 102 -12.96 -13.67 22.66
CA GLN C 102 -12.78 -14.88 23.44
C GLN C 102 -12.64 -16.08 22.55
N GLY C 103 -11.81 -15.94 21.52
CA GLY C 103 -11.50 -17.05 20.64
C GLY C 103 -10.89 -18.20 21.41
N PRO C 104 -9.84 -17.92 22.20
CA PRO C 104 -9.22 -18.99 22.98
C PRO C 104 -10.27 -19.80 23.75
N LYS C 105 -11.17 -19.14 24.47
CA LYS C 105 -12.23 -19.86 25.15
C LYS C 105 -13.02 -20.73 24.14
N ARG C 106 -13.44 -20.15 23.03
CA ARG C 106 -14.22 -20.88 22.02
C ARG C 106 -13.47 -22.13 21.55
N ALA C 107 -12.20 -21.97 21.24
CA ALA C 107 -11.38 -23.09 20.80
C ALA C 107 -11.39 -24.19 21.87
N ARG C 108 -10.89 -23.86 23.06
CA ARG C 108 -11.02 -24.75 24.20
C ARG C 108 -12.35 -25.53 24.25
N GLU C 109 -13.48 -24.87 24.03
CA GLU C 109 -14.76 -25.54 24.17
C GLU C 109 -15.30 -26.22 22.89
N SER C 110 -14.71 -25.91 21.74
CA SER C 110 -15.32 -26.32 20.47
C SER C 110 -14.56 -27.40 19.69
N GLN C 111 -13.67 -28.10 20.40
CA GLN C 111 -12.81 -29.12 19.77
C GLN C 111 -13.61 -30.20 19.02
N ASP C 112 -14.87 -30.39 19.40
CA ASP C 112 -15.74 -31.40 18.80
C ASP C 112 -16.27 -31.03 17.41
N ARG C 113 -16.52 -29.73 17.18
CA ARG C 113 -16.90 -29.24 15.85
C ARG C 113 -15.95 -28.15 15.36
N LYS C 114 -14.79 -28.58 14.86
CA LYS C 114 -13.68 -27.68 14.49
C LYS C 114 -13.96 -26.73 13.32
N ILE C 115 -13.48 -25.51 13.43
CA ILE C 115 -13.80 -24.46 12.46
C ILE C 115 -13.58 -24.83 10.97
N PHE C 116 -12.70 -25.80 10.70
CA PHE C 116 -12.36 -26.16 9.31
C PHE C 116 -12.80 -27.57 8.88
N ARG C 117 -13.75 -28.17 9.60
CA ARG C 117 -14.32 -29.48 9.23
C ARG C 117 -14.66 -29.56 7.75
N GLY C 118 -14.21 -30.63 7.10
CA GLY C 118 -14.59 -30.88 5.71
C GLY C 118 -14.09 -29.84 4.71
N LEU C 119 -12.96 -29.21 5.02
CA LEU C 119 -12.30 -28.33 4.08
C LEU C 119 -10.99 -28.95 3.63
N GLU C 120 -10.71 -28.88 2.34
CA GLU C 120 -9.40 -29.27 1.86
C GLU C 120 -8.62 -28.00 1.54
N ILE C 121 -7.70 -27.63 2.41
CA ILE C 121 -6.91 -26.42 2.21
C ILE C 121 -5.55 -26.69 1.56
N CYS C 122 -5.19 -25.87 0.57
CA CYS C 122 -3.86 -25.90 0.02
C CYS C 122 -3.19 -24.56 0.26
N CYS C 123 -2.12 -24.56 1.04
CA CYS C 123 -1.36 -23.35 1.29
C CYS C 123 -0.32 -23.18 0.18
N TYR C 124 -0.69 -22.37 -0.81
CA TYR C 124 0.09 -22.15 -2.03
C TYR C 124 1.10 -21.01 -1.80
N GLY C 125 2.34 -21.40 -1.52
CA GLY C 125 3.40 -20.47 -1.16
C GLY C 125 3.67 -19.58 -2.34
N PRO C 126 4.52 -18.53 -2.16
CA PRO C 126 5.33 -18.25 -0.97
C PRO C 126 4.61 -17.59 0.20
N PHE C 127 5.25 -17.64 1.38
CA PHE C 127 4.80 -16.97 2.60
C PHE C 127 5.95 -16.30 3.36
N THR C 128 5.62 -15.50 4.36
CA THR C 128 6.64 -14.82 5.15
C THR C 128 6.32 -14.76 6.64
N ASN C 129 7.38 -14.78 7.47
CA ASN C 129 7.24 -14.67 8.91
C ASN C 129 6.50 -15.85 9.53
N MET C 130 6.10 -16.78 8.69
CA MET C 130 5.35 -17.94 9.13
C MET C 130 5.63 -19.03 8.12
N PRO C 131 6.56 -19.95 8.46
CA PRO C 131 6.81 -21.10 7.59
C PRO C 131 5.54 -21.83 7.17
N THR C 132 5.50 -22.32 5.94
CA THR C 132 4.34 -23.01 5.39
C THR C 132 3.85 -24.16 6.27
N ASP C 133 4.76 -25.02 6.71
CA ASP C 133 4.38 -26.18 7.53
C ASP C 133 3.66 -25.77 8.82
N GLN C 134 3.95 -24.57 9.32
CA GLN C 134 3.25 -24.04 10.49
C GLN C 134 1.82 -23.63 10.14
N LEU C 135 1.63 -23.05 8.97
CA LEU C 135 0.29 -22.69 8.50
C LEU C 135 -0.53 -23.94 8.18
N GLU C 136 0.12 -24.97 7.66
CA GLU C 136 -0.55 -26.23 7.36
C GLU C 136 -0.93 -26.94 8.66
N TRP C 137 -0.02 -26.92 9.62
CA TRP C 137 -0.32 -27.43 10.95
C TRP C 137 -1.50 -26.66 11.54
N MET C 138 -1.52 -25.35 11.32
CA MET C 138 -2.56 -24.55 11.94
C MET C 138 -3.93 -25.02 11.47
N VAL C 139 -4.06 -25.20 10.17
CA VAL C 139 -5.34 -25.64 9.61
C VAL C 139 -5.68 -27.10 9.94
N GLN C 140 -4.67 -27.99 9.92
CA GLN C 140 -4.85 -29.38 10.36
C GLN C 140 -5.45 -29.45 11.76
N LEU C 141 -4.87 -28.67 12.68
CA LEU C 141 -5.34 -28.55 14.04
C LEU C 141 -6.81 -28.15 14.04
N CYS C 142 -7.18 -27.30 13.09
CA CYS C 142 -8.54 -26.80 13.01
C CYS C 142 -9.49 -27.70 12.18
N GLY C 143 -9.09 -28.94 11.93
CA GLY C 143 -9.97 -29.92 11.32
C GLY C 143 -9.85 -29.99 9.82
N ALA C 144 -8.91 -29.24 9.27
CA ALA C 144 -8.73 -29.15 7.83
C ALA C 144 -7.87 -30.30 7.30
N SER C 145 -8.00 -30.52 6.00
CA SER C 145 -7.23 -31.54 5.31
C SER C 145 -6.25 -30.79 4.38
N VAL C 146 -4.96 -31.01 4.58
CA VAL C 146 -3.94 -30.28 3.83
C VAL C 146 -3.58 -30.96 2.50
N VAL C 147 -3.58 -30.18 1.42
CA VAL C 147 -3.24 -30.69 0.11
C VAL C 147 -1.98 -29.96 -0.38
N LYS C 148 -0.95 -30.72 -0.74
CA LYS C 148 0.33 -30.14 -1.14
C LYS C 148 0.24 -29.44 -2.50
N GLU C 149 -0.58 -30.00 -3.38
CA GLU C 149 -0.59 -29.60 -4.79
C GLU C 149 -1.98 -29.28 -5.31
N LEU C 150 -2.08 -28.28 -6.17
CA LEU C 150 -3.36 -27.91 -6.77
C LEU C 150 -3.93 -29.11 -7.51
N SER C 151 -3.03 -30.03 -7.86
CA SER C 151 -3.39 -31.27 -8.53
C SER C 151 -4.05 -32.23 -7.56
N SER C 152 -3.52 -32.31 -6.34
CA SER C 152 -3.91 -33.34 -5.38
C SER C 152 -5.27 -33.07 -4.74
N PHE C 153 -5.97 -32.06 -5.26
CA PHE C 153 -7.30 -31.71 -4.75
C PHE C 153 -8.33 -32.81 -5.00
N THR C 154 -9.00 -33.24 -3.93
CA THR C 154 -10.00 -34.31 -4.02
C THR C 154 -11.30 -33.85 -4.65
N LEU C 155 -11.61 -34.40 -5.82
CA LEU C 155 -12.82 -34.07 -6.56
C LEU C 155 -14.07 -34.73 -5.97
N GLY C 156 -15.23 -34.18 -6.33
CA GLY C 156 -16.50 -34.66 -5.83
C GLY C 156 -17.20 -33.64 -4.96
N THR C 157 -18.49 -33.87 -4.74
CA THR C 157 -19.29 -33.04 -3.85
C THR C 157 -18.88 -33.25 -2.39
N HIS C 160 -14.87 -29.64 -0.02
CA HIS C 160 -14.76 -28.24 -0.44
C HIS C 160 -13.32 -27.76 -0.36
N PRO C 161 -12.76 -27.35 -1.51
CA PRO C 161 -11.37 -26.91 -1.62
C PRO C 161 -11.20 -25.40 -1.41
N ILE C 162 -10.02 -25.01 -0.95
CA ILE C 162 -9.67 -23.61 -0.73
C ILE C 162 -8.16 -23.44 -0.95
N VAL C 163 -7.77 -22.42 -1.69
CA VAL C 163 -6.34 -22.14 -1.83
C VAL C 163 -6.08 -20.89 -0.98
N VAL C 164 -5.02 -20.92 -0.17
CA VAL C 164 -4.70 -19.79 0.70
C VAL C 164 -3.34 -19.24 0.27
N VAL C 165 -3.29 -17.96 -0.10
CA VAL C 165 -2.02 -17.38 -0.53
C VAL C 165 -1.77 -16.08 0.18
N GLN C 166 -0.51 -15.63 0.18
CA GLN C 166 -0.18 -14.35 0.76
C GLN C 166 0.47 -13.48 -0.30
N PRO C 167 -0.36 -12.71 -1.04
CA PRO C 167 0.06 -11.96 -2.24
C PRO C 167 1.28 -11.06 -2.02
N ASP C 168 1.51 -10.65 -0.76
CA ASP C 168 2.65 -9.82 -0.38
C ASP C 168 4.00 -10.47 -0.66
N ALA C 169 4.02 -11.80 -0.54
CA ALA C 169 5.24 -12.59 -0.61
C ALA C 169 5.70 -12.80 -2.05
N TRP C 170 4.76 -12.76 -3.00
CA TRP C 170 5.06 -13.02 -4.40
C TRP C 170 5.99 -11.94 -4.97
N THR C 171 7.21 -12.35 -5.29
CA THR C 171 8.23 -11.42 -5.76
C THR C 171 8.38 -11.53 -7.27
N GLU C 172 7.98 -12.69 -7.80
CA GLU C 172 8.14 -12.92 -9.24
C GLU C 172 6.98 -12.38 -10.08
N ASP C 173 5.80 -13.00 -9.95
CA ASP C 173 4.66 -12.63 -10.79
C ASP C 173 3.42 -12.16 -10.02
N ASN C 174 2.49 -11.56 -10.77
CA ASN C 174 1.18 -11.16 -10.27
C ASN C 174 0.34 -12.42 -10.26
N GLY C 175 1.04 -13.55 -10.17
CA GLY C 175 0.49 -14.85 -10.52
C GLY C 175 -0.69 -15.31 -9.70
N PHE C 176 -0.89 -14.68 -8.54
CA PHE C 176 -1.98 -15.06 -7.65
C PHE C 176 -3.34 -14.82 -8.30
N HIS C 177 -3.34 -14.06 -9.40
CA HIS C 177 -4.57 -13.83 -10.16
C HIS C 177 -4.85 -14.97 -11.15
N ALA C 178 -3.89 -15.88 -11.31
CA ALA C 178 -3.99 -16.95 -12.30
C ALA C 178 -4.42 -18.29 -11.69
N ILE C 179 -4.19 -18.44 -10.39
CA ILE C 179 -4.48 -19.67 -9.66
C ILE C 179 -5.81 -20.34 -10.04
N GLY C 180 -6.85 -19.54 -10.25
CA GLY C 180 -8.17 -20.04 -10.61
C GLY C 180 -8.26 -20.88 -11.87
N GLN C 181 -7.33 -20.68 -12.81
CA GLN C 181 -7.34 -21.43 -14.06
C GLN C 181 -6.88 -22.86 -13.84
N MET C 182 -5.95 -23.02 -12.89
CA MET C 182 -5.32 -24.31 -12.61
C MET C 182 -6.13 -25.19 -11.65
N CYS C 183 -7.32 -24.75 -11.25
CA CYS C 183 -8.19 -25.54 -10.39
C CYS C 183 -9.48 -24.80 -10.03
N GLU C 184 -10.59 -25.53 -10.04
CA GLU C 184 -11.89 -24.93 -9.77
C GLU C 184 -12.15 -24.78 -8.27
N ALA C 185 -11.47 -23.83 -7.64
CA ALA C 185 -11.60 -23.59 -6.19
C ALA C 185 -11.37 -22.11 -5.89
N PRO C 186 -11.91 -21.64 -4.75
CA PRO C 186 -11.79 -20.24 -4.31
C PRO C 186 -10.41 -19.86 -3.76
N VAL C 187 -9.93 -18.66 -4.10
CA VAL C 187 -8.60 -18.19 -3.68
C VAL C 187 -8.68 -17.02 -2.67
N VAL C 188 -8.19 -17.26 -1.46
CA VAL C 188 -8.27 -16.28 -0.37
C VAL C 188 -6.89 -15.97 0.22
N THR C 189 -6.76 -14.79 0.82
CA THR C 189 -5.53 -14.38 1.50
C THR C 189 -5.37 -15.11 2.84
N ARG C 190 -4.13 -15.20 3.32
CA ARG C 190 -3.80 -15.84 4.60
C ARG C 190 -4.50 -15.21 5.83
N LYS C 191 -5.00 -13.99 5.65
CA LYS C 191 -5.81 -13.32 6.65
C LYS C 191 -7.12 -14.07 6.87
N TRP C 192 -7.61 -14.79 5.87
CA TRP C 192 -8.81 -15.61 6.11
C TRP C 192 -8.58 -16.68 7.16
N VAL C 193 -7.42 -17.34 7.10
CA VAL C 193 -7.07 -18.36 8.09
C VAL C 193 -6.85 -17.73 9.44
N LEU C 194 -6.08 -16.66 9.45
CA LEU C 194 -5.68 -16.01 10.69
C LEU C 194 -6.90 -15.49 11.46
N ASP C 195 -7.79 -14.81 10.75
CA ASP C 195 -8.96 -14.20 11.36
C ASP C 195 -9.85 -15.32 11.90
N SER C 196 -10.04 -16.35 11.08
CA SER C 196 -10.87 -17.48 11.43
C SER C 196 -10.34 -18.18 12.68
N VAL C 197 -9.06 -18.53 12.65
CA VAL C 197 -8.45 -19.17 13.81
C VAL C 197 -8.62 -18.27 15.04
N ALA C 198 -8.22 -17.00 14.93
CA ALA C 198 -8.31 -16.10 16.08
C ALA C 198 -9.72 -16.02 16.69
N LEU C 199 -10.73 -15.81 15.85
CA LEU C 199 -12.12 -15.81 16.32
C LEU C 199 -12.64 -17.23 16.57
N TYR C 200 -11.78 -18.23 16.33
CA TYR C 200 -12.20 -19.62 16.22
C TYR C 200 -13.62 -19.78 15.69
N GLN C 201 -13.93 -19.00 14.68
CA GLN C 201 -15.15 -19.19 13.91
C GLN C 201 -14.84 -19.00 12.42
N CYS C 202 -15.13 -20.05 11.67
CA CYS C 202 -14.87 -20.07 10.25
C CYS C 202 -15.50 -18.88 9.52
N GLN C 203 -14.66 -17.98 9.03
CA GLN C 203 -15.13 -16.79 8.34
C GLN C 203 -15.71 -17.09 6.96
N GLU C 204 -16.64 -16.25 6.52
CA GLU C 204 -17.13 -16.33 5.15
C GLU C 204 -16.06 -15.83 4.20
N LEU C 205 -16.03 -16.42 3.02
CA LEU C 205 -14.97 -16.15 2.07
C LEU C 205 -14.99 -14.75 1.41
N ASP C 206 -16.17 -14.27 0.99
CA ASP C 206 -16.31 -13.06 0.17
C ASP C 206 -15.21 -11.99 0.34
N THR C 207 -14.89 -11.65 1.59
CA THR C 207 -13.93 -10.59 1.94
C THR C 207 -12.47 -10.89 1.56
N TYR C 208 -12.10 -12.14 1.73
CA TYR C 208 -10.70 -12.54 1.59
C TYR C 208 -10.40 -13.07 0.17
N LEU C 209 -11.41 -13.05 -0.69
CA LEU C 209 -11.27 -13.52 -2.07
C LEU C 209 -10.28 -12.70 -2.88
N ILE C 210 -9.44 -13.41 -3.62
CA ILE C 210 -8.47 -12.82 -4.53
C ILE C 210 -8.99 -12.88 -5.95
N PRO C 211 -9.26 -11.71 -6.54
CA PRO C 211 -9.80 -11.63 -7.90
C PRO C 211 -9.00 -12.53 -8.85
N GLN C 212 -9.67 -13.25 -9.74
CA GLN C 212 -9.00 -14.15 -10.67
C GLN C 212 -9.17 -13.74 -12.13
N ILE C 213 -8.19 -14.09 -12.96
CA ILE C 213 -8.24 -13.89 -14.41
C ILE C 213 -8.54 -15.21 -15.10
N PRO C 214 -9.53 -15.24 -16.00
CA PRO C 214 -9.89 -16.47 -16.72
C PRO C 214 -9.04 -16.78 -17.97
N ARG D 4 19.53 -40.20 1.79
CA ARG D 4 19.85 -41.24 0.82
C ARG D 4 20.49 -40.65 -0.43
N MET D 5 21.59 -41.26 -0.88
CA MET D 5 22.30 -40.83 -2.08
C MET D 5 22.28 -41.88 -3.19
N SER D 6 21.71 -41.51 -4.34
CA SER D 6 21.67 -42.38 -5.53
C SER D 6 22.31 -41.64 -6.71
N MET D 7 23.25 -42.32 -7.37
CA MET D 7 24.21 -41.66 -8.25
C MET D 7 24.41 -42.35 -9.61
N VAL D 8 24.58 -41.55 -10.66
CA VAL D 8 24.78 -42.05 -12.02
C VAL D 8 25.85 -41.24 -12.75
N VAL D 9 26.61 -41.91 -13.61
CA VAL D 9 27.72 -41.25 -14.28
C VAL D 9 27.47 -41.08 -15.77
N SER D 10 28.11 -40.08 -16.36
CA SER D 10 27.94 -39.78 -17.78
C SER D 10 29.21 -39.21 -18.41
N GLY D 11 29.59 -39.77 -19.55
CA GLY D 11 30.77 -39.34 -20.28
C GLY D 11 32.04 -40.07 -19.88
N LEU D 12 31.93 -40.96 -18.89
CA LEU D 12 33.09 -41.59 -18.28
C LEU D 12 33.55 -42.85 -19.01
N THR D 13 34.85 -42.94 -19.24
CA THR D 13 35.45 -44.14 -19.80
C THR D 13 35.29 -45.27 -18.79
N PRO D 14 35.23 -46.52 -19.28
CA PRO D 14 35.13 -47.72 -18.44
C PRO D 14 36.08 -47.66 -17.24
N GLU D 15 37.31 -47.22 -17.47
CA GLU D 15 38.31 -47.15 -16.40
C GLU D 15 37.98 -46.02 -15.42
N GLU D 16 37.53 -44.89 -15.95
CA GLU D 16 37.09 -43.78 -15.12
C GLU D 16 35.91 -44.23 -14.28
N PHE D 17 35.05 -45.04 -14.89
CA PHE D 17 33.90 -45.59 -14.20
C PHE D 17 34.34 -46.42 -12.98
N MET D 18 35.39 -47.22 -13.16
CA MET D 18 35.81 -48.13 -12.09
C MET D 18 36.28 -47.39 -10.85
N LEU D 19 36.83 -46.19 -11.03
CA LEU D 19 37.19 -45.35 -9.89
C LEU D 19 35.95 -44.95 -9.11
N VAL D 20 34.87 -44.66 -9.84
CA VAL D 20 33.60 -44.28 -9.23
C VAL D 20 32.93 -45.49 -8.58
N TYR D 21 33.02 -46.64 -9.26
CA TYR D 21 32.42 -47.86 -8.75
C TYR D 21 33.06 -48.29 -7.42
N LYS D 22 34.38 -48.22 -7.35
CA LYS D 22 35.11 -48.54 -6.12
C LYS D 22 34.96 -47.41 -5.11
N PHE D 23 34.76 -46.19 -5.63
CA PHE D 23 34.56 -45.00 -4.79
C PHE D 23 33.20 -45.08 -4.10
N ALA D 24 32.20 -45.55 -4.84
CA ALA D 24 30.88 -45.82 -4.27
C ALA D 24 31.00 -46.89 -3.18
N ARG D 25 31.53 -48.05 -3.56
CA ARG D 25 31.69 -49.18 -2.63
C ARG D 25 32.34 -48.75 -1.32
N LYS D 26 33.35 -47.89 -1.41
CA LYS D 26 34.06 -47.43 -0.21
C LYS D 26 33.16 -46.64 0.74
N HIS D 27 32.42 -45.67 0.21
CA HIS D 27 31.62 -44.75 1.03
C HIS D 27 30.15 -45.16 1.12
N HIS D 28 29.83 -46.32 0.56
CA HIS D 28 28.47 -46.89 0.62
C HIS D 28 27.42 -46.03 -0.09
N ILE D 29 27.78 -45.51 -1.26
CA ILE D 29 26.84 -44.73 -2.06
C ILE D 29 26.23 -45.66 -3.10
N THR D 30 24.92 -45.50 -3.33
CA THR D 30 24.22 -46.24 -4.37
C THR D 30 24.56 -45.77 -5.80
N LEU D 31 25.01 -46.70 -6.65
CA LEU D 31 25.44 -46.41 -8.03
C LEU D 31 24.69 -47.22 -9.09
N THR D 32 24.01 -46.53 -9.99
CA THR D 32 23.17 -47.18 -10.99
C THR D 32 23.40 -46.74 -12.45
N ASN D 33 22.87 -47.54 -13.37
CA ASN D 33 22.96 -47.29 -14.81
C ASN D 33 21.94 -46.28 -15.29
N LEU D 34 20.73 -46.40 -14.75
CA LEU D 34 19.60 -45.61 -15.22
C LEU D 34 19.21 -44.52 -14.25
N ILE D 35 19.13 -43.32 -14.79
CA ILE D 35 18.72 -42.15 -14.03
C ILE D 35 17.23 -42.25 -13.69
N THR D 36 16.92 -42.26 -12.41
CA THR D 36 15.54 -42.37 -11.95
C THR D 36 15.18 -41.13 -11.13
N GLU D 37 14.02 -41.18 -10.49
CA GLU D 37 13.57 -40.11 -9.59
C GLU D 37 14.40 -40.12 -8.31
N GLU D 38 14.70 -41.32 -7.82
CA GLU D 38 15.46 -41.49 -6.57
C GLU D 38 16.91 -41.07 -6.71
N THR D 39 17.32 -40.83 -7.96
CA THR D 39 18.66 -40.35 -8.26
C THR D 39 18.83 -38.90 -7.77
N THR D 40 19.93 -38.64 -7.10
CA THR D 40 20.20 -37.33 -6.53
C THR D 40 21.44 -36.69 -7.17
N HIS D 41 22.34 -37.54 -7.68
CA HIS D 41 23.63 -37.08 -8.21
C HIS D 41 23.93 -37.60 -9.61
N VAL D 42 24.15 -36.67 -10.55
CA VAL D 42 24.67 -37.03 -11.86
C VAL D 42 26.12 -36.54 -11.97
N VAL D 43 27.05 -37.49 -12.08
CA VAL D 43 28.47 -37.18 -12.21
C VAL D 43 28.87 -37.04 -13.68
N MET D 44 29.30 -35.84 -14.06
CA MET D 44 29.59 -35.50 -15.44
C MET D 44 31.09 -35.32 -15.75
N LYS D 45 31.52 -35.88 -16.87
CA LYS D 45 32.87 -35.71 -17.38
C LYS D 45 33.08 -34.30 -17.92
N THR D 46 33.87 -33.50 -17.21
CA THR D 46 34.07 -32.09 -17.58
C THR D 46 35.51 -31.75 -17.89
N ASP D 47 35.74 -30.52 -18.36
CA ASP D 47 37.08 -29.97 -18.42
C ASP D 47 37.36 -29.21 -17.11
N ALA D 48 38.60 -28.78 -16.91
CA ALA D 48 39.03 -28.19 -15.64
C ALA D 48 38.08 -27.12 -15.11
N GLU D 49 37.32 -26.50 -16.01
CA GLU D 49 36.40 -25.43 -15.63
C GLU D 49 34.98 -25.93 -15.37
N PHE D 50 34.81 -27.25 -15.28
CA PHE D 50 33.50 -27.86 -15.10
C PHE D 50 32.55 -27.54 -16.27
N VAL D 51 33.02 -27.80 -17.48
CA VAL D 51 32.21 -27.66 -18.69
C VAL D 51 32.09 -29.02 -19.39
N CYS D 52 30.86 -29.52 -19.50
CA CYS D 52 30.64 -30.87 -19.98
C CYS D 52 30.00 -30.94 -21.37
N GLU D 53 30.15 -32.09 -22.02
CA GLU D 53 29.40 -32.35 -23.23
C GLU D 53 27.93 -32.54 -22.86
N ARG D 54 27.05 -32.46 -23.84
CA ARG D 54 25.62 -32.69 -23.59
C ARG D 54 25.23 -34.14 -23.86
N THR D 55 24.66 -34.78 -22.85
CA THR D 55 24.25 -36.16 -22.95
C THR D 55 22.85 -36.32 -22.37
N LEU D 56 22.24 -37.49 -22.57
CA LEU D 56 20.88 -37.70 -22.11
C LEU D 56 20.76 -37.55 -20.59
N LYS D 57 21.75 -38.03 -19.85
CA LYS D 57 21.72 -37.94 -18.39
C LYS D 57 21.91 -36.52 -17.92
N TYR D 58 22.77 -35.78 -18.62
CA TYR D 58 22.98 -34.36 -18.35
C TYR D 58 21.65 -33.61 -18.33
N PHE D 59 20.91 -33.72 -19.43
CA PHE D 59 19.57 -33.11 -19.54
C PHE D 59 18.60 -33.57 -18.44
N LEU D 60 18.56 -34.87 -18.15
CA LEU D 60 17.62 -35.39 -17.16
C LEU D 60 18.04 -35.05 -15.73
N GLY D 61 19.31 -34.74 -15.54
CA GLY D 61 19.82 -34.31 -14.26
C GLY D 61 19.42 -32.88 -13.98
N ILE D 62 19.33 -32.09 -15.04
CA ILE D 62 18.89 -30.71 -14.93
C ILE D 62 17.37 -30.63 -14.88
N ALA D 63 16.72 -31.44 -15.70
CA ALA D 63 15.26 -31.46 -15.73
C ALA D 63 14.69 -31.73 -14.34
N GLY D 64 15.36 -32.61 -13.58
CA GLY D 64 14.87 -33.02 -12.29
C GLY D 64 15.54 -32.34 -11.12
N GLY D 65 16.17 -31.20 -11.39
CA GLY D 65 16.81 -30.39 -10.35
C GLY D 65 17.74 -31.16 -9.42
N LYS D 66 18.55 -32.03 -10.00
CA LYS D 66 19.46 -32.85 -9.21
C LYS D 66 20.82 -32.16 -9.08
N TRP D 67 21.76 -32.87 -8.45
CA TRP D 67 23.11 -32.38 -8.30
C TRP D 67 23.97 -32.87 -9.47
N VAL D 68 24.14 -32.02 -10.47
CA VAL D 68 24.95 -32.37 -11.64
C VAL D 68 26.37 -31.85 -11.46
N VAL D 69 27.16 -32.62 -10.72
CA VAL D 69 28.52 -32.24 -10.35
C VAL D 69 29.56 -32.88 -11.26
N SER D 70 30.80 -32.42 -11.18
CA SER D 70 31.86 -32.89 -12.05
C SER D 70 32.55 -34.15 -11.51
N TYR D 71 33.10 -34.93 -12.43
CA TYR D 71 33.87 -36.13 -12.08
C TYR D 71 35.12 -35.75 -11.30
N PHE D 72 35.61 -34.53 -11.48
CA PHE D 72 36.78 -34.06 -10.73
C PHE D 72 36.49 -34.09 -9.23
N TRP D 73 35.21 -34.09 -8.88
CA TRP D 73 34.80 -34.18 -7.48
C TRP D 73 35.21 -35.53 -6.90
N VAL D 74 34.98 -36.59 -7.68
CA VAL D 74 35.39 -37.92 -7.27
C VAL D 74 36.90 -38.00 -7.13
N THR D 75 37.62 -37.69 -8.19
CA THR D 75 39.09 -37.80 -8.21
C THR D 75 39.75 -36.98 -7.09
N GLN D 76 39.16 -35.84 -6.75
CA GLN D 76 39.71 -34.99 -5.69
C GLN D 76 39.32 -35.50 -4.31
N SER D 77 38.18 -36.17 -4.21
CA SER D 77 37.81 -36.83 -2.96
C SER D 77 38.74 -38.02 -2.71
N ILE D 78 39.19 -38.65 -3.79
CA ILE D 78 40.16 -39.75 -3.69
C ILE D 78 41.51 -39.22 -3.21
N LYS D 79 42.04 -38.26 -3.95
CA LYS D 79 43.33 -37.66 -3.66
C LYS D 79 43.41 -37.02 -2.28
N GLU D 80 42.27 -36.84 -1.62
CA GLU D 80 42.24 -36.21 -0.31
C GLU D 80 41.74 -37.11 0.82
N ARG D 81 41.53 -38.39 0.50
CA ARG D 81 41.13 -39.41 1.49
C ARG D 81 39.81 -39.09 2.19
N LYS D 82 39.22 -37.95 1.85
CA LYS D 82 37.92 -37.56 2.40
C LYS D 82 36.98 -37.22 1.25
N MET D 83 35.69 -37.15 1.54
CA MET D 83 34.72 -36.82 0.52
C MET D 83 34.46 -35.31 0.49
N LEU D 84 34.96 -34.65 -0.55
CA LEU D 84 34.78 -33.21 -0.67
C LEU D 84 33.30 -32.85 -0.78
N ASN D 85 32.98 -31.59 -0.50
CA ASN D 85 31.63 -31.08 -0.72
C ASN D 85 31.38 -31.04 -2.22
N GLU D 86 30.30 -31.69 -2.67
CA GLU D 86 30.01 -31.76 -4.11
C GLU D 86 29.40 -30.47 -4.68
N HIS D 87 29.00 -29.55 -3.81
CA HIS D 87 28.42 -28.29 -4.24
C HIS D 87 29.47 -27.46 -4.96
N ASP D 88 30.69 -27.54 -4.48
CA ASP D 88 31.81 -26.78 -5.01
C ASP D 88 32.11 -27.17 -6.47
N PHE D 89 31.89 -28.43 -6.80
CA PHE D 89 32.27 -28.98 -8.09
C PHE D 89 31.15 -28.91 -9.14
N GLU D 90 30.07 -28.22 -8.82
CA GLU D 90 28.92 -28.16 -9.72
C GLU D 90 29.33 -27.76 -11.12
N VAL D 91 28.74 -28.42 -12.13
CA VAL D 91 29.04 -28.10 -13.52
C VAL D 91 28.52 -26.72 -13.93
N ARG D 92 29.41 -25.92 -14.52
CA ARG D 92 29.10 -24.54 -14.85
C ARG D 92 28.32 -24.37 -16.16
N GLY D 93 28.67 -25.16 -17.16
CA GLY D 93 28.03 -25.05 -18.46
C GLY D 93 28.42 -26.15 -19.42
N ASP D 94 27.89 -26.10 -20.63
CA ASP D 94 28.19 -27.12 -21.64
C ASP D 94 28.75 -26.48 -22.91
N VAL D 95 29.38 -27.31 -23.73
CA VAL D 95 30.06 -26.82 -24.94
C VAL D 95 29.11 -26.15 -25.93
N VAL D 96 27.82 -26.40 -25.78
CA VAL D 96 26.83 -25.91 -26.76
C VAL D 96 26.18 -24.59 -26.36
N ASN D 97 25.65 -24.53 -25.14
CA ASN D 97 24.81 -23.40 -24.73
C ASN D 97 25.50 -22.29 -23.94
N GLY D 98 26.77 -22.48 -23.61
CA GLY D 98 27.51 -21.50 -22.82
C GLY D 98 28.40 -22.14 -21.78
N ARG D 99 29.54 -21.52 -21.50
CA ARG D 99 30.52 -22.09 -20.60
C ARG D 99 30.23 -21.86 -19.12
N ASN D 100 29.31 -20.93 -18.85
CA ASN D 100 28.95 -20.60 -17.47
C ASN D 100 27.52 -20.05 -17.35
N HIS D 101 26.55 -20.79 -17.87
CA HIS D 101 25.15 -20.38 -17.84
C HIS D 101 24.46 -20.83 -16.54
N GLN D 102 25.10 -21.78 -15.86
CA GLN D 102 24.67 -22.30 -14.56
C GLN D 102 23.25 -22.86 -14.50
N GLY D 103 22.89 -23.65 -15.51
CA GLY D 103 21.58 -24.28 -15.56
C GLY D 103 21.30 -25.23 -14.40
N PRO D 104 22.27 -26.12 -14.10
CA PRO D 104 22.19 -27.00 -12.92
C PRO D 104 21.85 -26.22 -11.66
N LYS D 105 22.57 -25.12 -11.43
CA LYS D 105 22.34 -24.30 -10.25
C LYS D 105 20.92 -23.73 -10.21
N ARG D 106 20.47 -23.19 -11.34
CA ARG D 106 19.13 -22.58 -11.40
C ARG D 106 18.01 -23.63 -11.41
N ALA D 107 18.26 -24.77 -12.04
CA ALA D 107 17.29 -25.86 -12.09
C ALA D 107 16.98 -26.39 -10.69
N ARG D 108 17.99 -26.36 -9.81
CA ARG D 108 17.84 -26.79 -8.42
C ARG D 108 16.99 -25.84 -7.59
N GLU D 109 17.22 -24.55 -7.83
CA GLU D 109 16.61 -23.51 -7.05
C GLU D 109 15.25 -23.10 -7.61
N SER D 110 15.00 -23.43 -8.88
CA SER D 110 13.79 -22.98 -9.56
C SER D 110 12.71 -24.03 -9.72
N GLN D 111 12.70 -25.04 -8.85
CA GLN D 111 11.67 -26.07 -8.91
C GLN D 111 10.29 -25.48 -8.65
N ASP D 112 10.27 -24.41 -7.85
CA ASP D 112 9.02 -23.75 -7.49
C ASP D 112 8.30 -23.21 -8.72
N ARG D 113 9.07 -22.77 -9.72
CA ARG D 113 8.54 -22.30 -11.00
C ARG D 113 9.31 -22.94 -12.15
N LYS D 114 8.77 -24.04 -12.67
CA LYS D 114 9.43 -24.85 -13.69
C LYS D 114 9.26 -24.30 -15.10
N ILE D 115 10.38 -23.97 -15.73
CA ILE D 115 10.41 -23.45 -17.10
C ILE D 115 9.19 -23.70 -18.04
N PHE D 116 8.61 -24.91 -18.05
CA PHE D 116 7.51 -25.24 -18.97
C PHE D 116 6.11 -25.29 -18.35
N ARG D 117 5.87 -24.52 -17.29
CA ARG D 117 4.56 -24.41 -16.66
C ARG D 117 3.45 -24.11 -17.66
N GLY D 118 2.38 -24.91 -17.62
CA GLY D 118 1.20 -24.63 -18.42
C GLY D 118 1.42 -24.85 -19.90
N LEU D 119 2.34 -25.75 -20.23
CA LEU D 119 2.63 -26.06 -21.63
C LEU D 119 2.21 -27.49 -21.96
N GLU D 120 1.46 -27.64 -23.05
CA GLU D 120 1.14 -28.96 -23.58
C GLU D 120 2.09 -29.30 -24.73
N ILE D 121 2.91 -30.34 -24.53
CA ILE D 121 3.92 -30.72 -25.52
C ILE D 121 3.65 -32.09 -26.15
N CYS D 122 3.65 -32.15 -27.48
CA CYS D 122 3.56 -33.42 -28.19
C CYS D 122 4.90 -33.78 -28.80
N CYS D 123 5.44 -34.92 -28.39
CA CYS D 123 6.70 -35.39 -28.95
C CYS D 123 6.45 -36.22 -30.21
N TYR D 124 6.24 -35.51 -31.33
CA TYR D 124 5.92 -36.14 -32.62
C TYR D 124 7.17 -36.79 -33.24
N GLY D 125 7.27 -38.12 -33.10
CA GLY D 125 8.40 -38.88 -33.63
C GLY D 125 8.52 -38.69 -35.13
N PRO D 126 9.58 -39.27 -35.74
CA PRO D 126 10.63 -40.11 -35.16
C PRO D 126 11.76 -39.30 -34.52
N PHE D 127 12.54 -39.96 -33.66
CA PHE D 127 13.71 -39.35 -33.04
C PHE D 127 14.88 -40.33 -33.04
N THR D 128 16.08 -39.82 -32.74
CA THR D 128 17.25 -40.69 -32.61
C THR D 128 18.11 -40.32 -31.40
N ASN D 129 18.90 -41.29 -30.94
CA ASN D 129 19.86 -41.09 -29.85
C ASN D 129 19.22 -40.66 -28.52
N MET D 130 17.89 -40.74 -28.47
CA MET D 130 17.14 -40.35 -27.29
C MET D 130 15.68 -40.78 -27.44
N PRO D 131 15.33 -41.92 -26.84
CA PRO D 131 13.98 -42.49 -26.92
C PRO D 131 12.87 -41.46 -26.62
N THR D 132 11.71 -41.62 -27.24
CA THR D 132 10.62 -40.65 -27.11
C THR D 132 10.09 -40.53 -25.69
N ASP D 133 10.09 -41.63 -24.94
CA ASP D 133 9.57 -41.60 -23.57
C ASP D 133 10.50 -40.81 -22.66
N GLN D 134 11.76 -40.71 -23.06
CA GLN D 134 12.77 -39.99 -22.27
C GLN D 134 12.66 -38.50 -22.50
N LEU D 135 12.45 -38.10 -23.76
CA LEU D 135 12.21 -36.71 -24.09
C LEU D 135 10.88 -36.29 -23.46
N GLU D 136 9.98 -37.26 -23.28
CA GLU D 136 8.66 -37.00 -22.69
C GLU D 136 8.74 -36.78 -21.18
N TRP D 137 9.54 -37.61 -20.52
CA TRP D 137 9.76 -37.47 -19.08
C TRP D 137 10.55 -36.19 -18.80
N MET D 138 11.47 -35.84 -19.70
CA MET D 138 12.26 -34.62 -19.54
C MET D 138 11.38 -33.37 -19.52
N VAL D 139 10.35 -33.34 -20.35
CA VAL D 139 9.44 -32.19 -20.36
C VAL D 139 8.54 -32.20 -19.12
N GLN D 140 8.02 -33.39 -18.77
CA GLN D 140 7.25 -33.54 -17.53
C GLN D 140 7.99 -32.96 -16.33
N LEU D 141 9.22 -33.41 -16.13
CA LEU D 141 10.07 -32.93 -15.05
C LEU D 141 10.15 -31.41 -15.05
N CYS D 142 10.17 -30.82 -16.25
CA CYS D 142 10.22 -29.36 -16.39
C CYS D 142 8.82 -28.74 -16.39
N GLY D 143 7.85 -29.49 -15.87
CA GLY D 143 6.52 -28.99 -15.63
C GLY D 143 5.57 -29.02 -16.81
N ALA D 144 5.96 -29.73 -17.88
CA ALA D 144 5.13 -29.76 -19.08
C ALA D 144 4.02 -30.81 -18.97
N SER D 145 3.15 -30.80 -19.96
CA SER D 145 2.04 -31.73 -20.04
C SER D 145 2.19 -32.51 -21.33
N VAL D 146 2.26 -33.83 -21.23
CA VAL D 146 2.53 -34.64 -22.41
C VAL D 146 1.26 -35.07 -23.14
N VAL D 147 1.26 -34.85 -24.45
CA VAL D 147 0.13 -35.19 -25.30
C VAL D 147 0.61 -36.11 -26.42
N LYS D 148 0.09 -37.33 -26.43
CA LYS D 148 0.57 -38.36 -27.37
C LYS D 148 0.18 -38.06 -28.81
N GLU D 149 -1.00 -37.47 -28.99
CA GLU D 149 -1.55 -37.27 -30.32
C GLU D 149 -1.92 -35.83 -30.63
N LEU D 150 -1.69 -35.44 -31.88
CA LEU D 150 -2.06 -34.11 -32.34
C LEU D 150 -3.52 -33.79 -32.02
N SER D 151 -4.35 -34.83 -31.96
CA SER D 151 -5.77 -34.64 -31.64
C SER D 151 -5.97 -34.33 -30.16
N SER D 152 -5.27 -35.06 -29.31
CA SER D 152 -5.35 -34.87 -27.87
C SER D 152 -5.07 -33.43 -27.48
N GLY D 158 -6.45 -21.22 -22.04
CA GLY D 158 -5.95 -21.59 -20.73
C GLY D 158 -4.53 -22.10 -20.82
N VAL D 159 -4.33 -23.09 -21.69
CA VAL D 159 -3.02 -23.72 -21.91
C VAL D 159 -2.52 -23.52 -23.35
N HIS D 160 -1.21 -23.67 -23.55
CA HIS D 160 -0.58 -23.47 -24.85
C HIS D 160 0.08 -24.76 -25.37
N PRO D 161 -0.12 -25.06 -26.67
CA PRO D 161 0.32 -26.30 -27.34
C PRO D 161 1.57 -26.16 -28.22
N ILE D 162 2.51 -27.09 -28.08
CA ILE D 162 3.72 -27.12 -28.92
C ILE D 162 4.03 -28.52 -29.49
N VAL D 163 4.43 -28.55 -30.75
CA VAL D 163 4.78 -29.78 -31.44
C VAL D 163 6.30 -29.82 -31.65
N VAL D 164 6.97 -30.72 -30.94
CA VAL D 164 8.42 -30.87 -31.07
C VAL D 164 8.75 -32.02 -32.03
N VAL D 165 9.61 -31.75 -33.01
CA VAL D 165 10.01 -32.77 -33.97
C VAL D 165 11.53 -32.72 -34.16
N GLN D 166 12.11 -33.82 -34.65
CA GLN D 166 13.50 -33.80 -35.10
C GLN D 166 13.46 -33.97 -36.60
N PRO D 167 13.73 -32.88 -37.35
CA PRO D 167 13.60 -32.94 -38.81
C PRO D 167 14.61 -33.91 -39.43
N ASP D 168 15.74 -34.07 -38.75
CA ASP D 168 16.77 -35.00 -39.18
C ASP D 168 16.27 -36.45 -39.26
N ALA D 169 15.52 -36.87 -38.23
CA ALA D 169 15.03 -38.25 -38.14
C ALA D 169 14.13 -38.68 -39.31
N TRP D 170 13.40 -37.74 -39.90
CA TRP D 170 12.44 -38.10 -40.94
C TRP D 170 13.07 -38.68 -42.23
N THR D 171 12.87 -39.98 -42.41
CA THR D 171 13.40 -40.69 -43.58
C THR D 171 12.30 -40.81 -44.64
N GLU D 172 11.07 -40.91 -44.16
CA GLU D 172 9.93 -41.13 -45.04
C GLU D 172 9.60 -39.93 -45.93
N ASP D 173 9.32 -38.78 -45.31
CA ASP D 173 8.85 -37.64 -46.09
C ASP D 173 9.42 -36.30 -45.66
N ASN D 174 8.95 -35.27 -46.37
CA ASN D 174 9.17 -33.89 -45.99
C ASN D 174 8.06 -33.53 -45.01
N GLY D 175 7.58 -34.55 -44.29
CA GLY D 175 6.34 -34.48 -43.56
C GLY D 175 6.27 -33.58 -42.35
N PHE D 176 7.41 -33.06 -41.92
CA PHE D 176 7.43 -32.14 -40.78
C PHE D 176 6.97 -30.74 -41.17
N HIS D 177 6.74 -30.55 -42.47
CA HIS D 177 6.18 -29.29 -42.99
C HIS D 177 4.66 -29.37 -43.13
N ALA D 178 4.12 -30.57 -42.95
CA ALA D 178 2.67 -30.82 -43.08
C ALA D 178 1.92 -30.62 -41.76
N ILE D 179 2.55 -31.07 -40.68
CA ILE D 179 1.98 -31.04 -39.31
C ILE D 179 1.00 -29.91 -38.96
N GLY D 180 1.38 -28.67 -39.27
CA GLY D 180 0.59 -27.49 -38.92
C GLY D 180 -0.89 -27.52 -39.27
N GLN D 181 -1.21 -28.02 -40.45
CA GLN D 181 -2.61 -28.13 -40.87
C GLN D 181 -3.38 -29.05 -39.93
N MET D 182 -2.71 -30.12 -39.52
CA MET D 182 -3.30 -31.15 -38.66
C MET D 182 -3.60 -30.63 -37.24
N CYS D 183 -3.15 -29.41 -36.94
CA CYS D 183 -3.49 -28.74 -35.70
C CYS D 183 -2.90 -27.32 -35.59
N GLU D 184 -3.67 -26.40 -35.00
CA GLU D 184 -3.23 -25.03 -34.82
C GLU D 184 -2.31 -24.93 -33.60
N ALA D 185 -1.06 -25.35 -33.77
CA ALA D 185 -0.02 -25.20 -32.75
C ALA D 185 1.37 -25.08 -33.41
N PRO D 186 2.33 -24.46 -32.70
CA PRO D 186 3.66 -24.19 -33.28
C PRO D 186 4.53 -25.45 -33.42
N VAL D 187 5.29 -25.50 -34.50
CA VAL D 187 6.22 -26.60 -34.74
C VAL D 187 7.66 -26.12 -34.53
N VAL D 188 8.30 -26.67 -33.51
CA VAL D 188 9.67 -26.33 -33.13
C VAL D 188 10.57 -27.57 -33.08
N THR D 189 11.84 -27.37 -33.40
CA THR D 189 12.84 -28.43 -33.39
C THR D 189 13.08 -28.89 -31.96
N ARG D 190 13.62 -30.10 -31.82
CA ARG D 190 13.95 -30.66 -30.50
C ARG D 190 15.03 -29.83 -29.82
N LYS D 191 15.84 -29.15 -30.62
CA LYS D 191 16.87 -28.29 -30.07
C LYS D 191 16.24 -27.17 -29.20
N TRP D 192 14.94 -26.94 -29.33
CA TRP D 192 14.25 -26.00 -28.45
C TRP D 192 14.11 -26.53 -27.01
N VAL D 193 13.61 -27.77 -26.89
CA VAL D 193 13.54 -28.44 -25.60
C VAL D 193 14.94 -28.52 -24.95
N LEU D 194 15.91 -28.97 -25.73
CA LEU D 194 17.29 -29.11 -25.24
C LEU D 194 17.94 -27.81 -24.77
N ASP D 195 17.76 -26.72 -25.50
CA ASP D 195 18.38 -25.45 -25.13
C ASP D 195 17.71 -24.86 -23.90
N SER D 196 16.39 -24.97 -23.84
CA SER D 196 15.65 -24.49 -22.68
C SER D 196 16.11 -25.27 -21.45
N VAL D 197 16.09 -26.59 -21.55
CA VAL D 197 16.48 -27.42 -20.43
C VAL D 197 17.88 -27.04 -19.95
N ALA D 198 18.85 -27.08 -20.86
CA ALA D 198 20.24 -26.86 -20.47
C ALA D 198 20.48 -25.54 -19.74
N LEU D 199 19.87 -24.46 -20.23
CA LEU D 199 20.02 -23.14 -19.59
C LEU D 199 19.04 -23.00 -18.42
N TYR D 200 18.25 -24.02 -18.17
CA TYR D 200 17.04 -23.90 -17.35
C TYR D 200 16.36 -22.53 -17.43
N GLN D 201 16.10 -22.09 -18.65
CA GLN D 201 15.21 -20.96 -18.88
C GLN D 201 14.47 -21.17 -20.19
N CYS D 202 13.14 -21.14 -20.12
CA CYS D 202 12.30 -21.39 -21.29
C CYS D 202 12.62 -20.44 -22.45
N GLN D 203 13.10 -21.02 -23.56
CA GLN D 203 13.46 -20.23 -24.75
C GLN D 203 12.26 -19.78 -25.59
N GLU D 204 12.45 -18.67 -26.29
CA GLU D 204 11.48 -18.15 -27.24
C GLU D 204 11.42 -19.04 -28.49
N LEU D 205 10.21 -19.37 -28.91
CA LEU D 205 9.98 -20.31 -30.01
C LEU D 205 10.59 -19.87 -31.34
N ASP D 206 10.63 -18.55 -31.55
CA ASP D 206 10.85 -17.95 -32.86
C ASP D 206 12.11 -18.40 -33.60
N THR D 207 13.25 -18.48 -32.91
CA THR D 207 14.46 -18.95 -33.54
C THR D 207 14.33 -20.42 -33.98
N TYR D 208 13.52 -21.19 -33.27
CA TYR D 208 13.44 -22.64 -33.47
C TYR D 208 12.28 -23.09 -34.36
N LEU D 209 11.52 -22.16 -34.89
CA LEU D 209 10.32 -22.52 -35.63
C LEU D 209 10.58 -23.23 -36.96
N ILE D 210 9.63 -24.06 -37.34
CA ILE D 210 9.62 -24.71 -38.63
C ILE D 210 8.56 -24.10 -39.53
N PRO D 211 8.97 -23.60 -40.70
CA PRO D 211 8.07 -23.08 -41.72
C PRO D 211 7.03 -24.13 -42.11
N GLN D 212 5.75 -23.78 -42.04
CA GLN D 212 4.68 -24.74 -42.31
C GLN D 212 3.91 -24.48 -43.64
N ILE D 213 3.63 -25.56 -44.38
CA ILE D 213 2.85 -25.46 -45.61
C ILE D 213 1.35 -25.59 -45.33
N PRO D 214 0.55 -24.64 -45.81
CA PRO D 214 -0.90 -24.66 -45.64
C PRO D 214 -1.64 -25.08 -46.90
N SER E 3 -11.73 57.07 4.94
CA SER E 3 -11.54 56.48 6.27
C SER E 3 -10.29 57.02 7.02
N THR E 4 -10.36 56.98 8.35
CA THR E 4 -9.22 57.39 9.19
C THR E 4 -8.17 56.28 9.34
N SEP E 5 -8.58 55.02 9.16
CA SEP E 5 -7.65 53.90 9.32
CB SEP E 5 -8.28 52.55 8.99
OG SEP E 5 -9.51 52.40 9.68
C SEP E 5 -6.40 54.11 8.44
O SEP E 5 -6.50 54.36 7.24
P SEP E 5 -10.32 51.05 9.30
O1P SEP E 5 -9.35 49.88 8.81
O2P SEP E 5 -11.48 51.41 8.24
O3P SEP E 5 -11.03 50.52 10.66
N PRO E 6 -5.21 53.98 9.06
CA PRO E 6 -3.92 54.14 8.38
C PRO E 6 -3.78 53.19 7.17
N THR E 7 -3.27 53.73 6.07
CA THR E 7 -2.97 52.90 4.90
C THR E 7 -1.46 52.69 4.71
N PHE E 8 -1.09 51.57 4.11
CA PHE E 8 0.32 51.23 3.92
C PHE E 8 0.63 51.00 2.45
N ASN E 9 1.38 51.91 1.84
CA ASN E 9 1.50 51.95 0.40
C ASN E 9 2.94 52.04 -0.14
N SEP F 5 -11.36 14.29 -17.40
CA SEP F 5 -11.68 13.96 -16.01
CB SEP F 5 -10.95 12.69 -15.56
OG SEP F 5 -11.79 11.54 -15.63
C SEP F 5 -11.33 15.13 -15.07
O SEP F 5 -10.22 15.67 -15.15
P SEP F 5 -10.99 10.16 -15.30
O1P SEP F 5 -10.80 10.06 -13.72
O2P SEP F 5 -9.54 10.18 -16.01
O3P SEP F 5 -11.87 8.93 -15.88
N PRO F 6 -12.27 15.51 -14.17
CA PRO F 6 -12.12 16.64 -13.24
C PRO F 6 -11.24 16.34 -12.01
N THR F 7 -10.49 17.36 -11.58
CA THR F 7 -9.59 17.25 -10.43
C THR F 7 -9.95 18.24 -9.29
N PHE F 8 -9.84 17.79 -8.03
CA PHE F 8 -10.19 18.61 -6.87
C PHE F 8 -8.99 18.88 -5.94
N ASN F 9 -8.82 20.14 -5.53
CA ASN F 9 -7.69 20.57 -4.69
C ASN F 9 -8.07 21.42 -3.47
N THR G 4 11.16 -10.11 19.48
CA THR G 4 11.78 -10.78 18.34
C THR G 4 10.73 -11.46 17.45
N SEP G 5 9.65 -11.92 18.07
CA SEP G 5 8.69 -12.79 17.38
CB SEP G 5 7.82 -13.56 18.38
OG SEP G 5 8.61 -14.33 19.28
C SEP G 5 7.79 -12.02 16.42
O SEP G 5 7.16 -11.03 16.80
P SEP G 5 7.69 -15.31 20.17
O1P SEP G 5 6.62 -16.07 19.23
O2P SEP G 5 6.91 -14.43 21.27
O3P SEP G 5 8.63 -16.41 20.88
N PRO G 6 7.73 -12.49 15.17
CA PRO G 6 6.87 -11.92 14.12
C PRO G 6 5.44 -11.75 14.61
N THR G 7 4.90 -10.54 14.47
CA THR G 7 3.49 -10.30 14.73
C THR G 7 2.67 -10.15 13.43
N PHE G 8 1.36 -10.18 13.56
CA PHE G 8 0.46 -10.22 12.40
C PHE G 8 -0.70 -9.26 12.56
N ASN G 9 -0.47 -8.03 12.12
CA ASN G 9 -1.39 -6.90 12.26
C ASN G 9 -2.53 -6.91 11.23
N THR H 4 30.61 -43.90 -24.70
CA THR H 4 29.83 -44.35 -25.85
C THR H 4 28.53 -43.54 -25.96
N SEP H 5 28.14 -42.93 -24.85
CA SEP H 5 26.90 -42.14 -24.78
CB SEP H 5 26.81 -41.45 -23.41
OG SEP H 5 26.21 -42.30 -22.46
C SEP H 5 26.73 -41.10 -25.90
O SEP H 5 27.70 -40.46 -26.31
P SEP H 5 26.74 -42.13 -20.93
O1P SEP H 5 26.18 -40.80 -20.21
O2P SEP H 5 28.36 -42.09 -20.91
O3P SEP H 5 26.19 -43.39 -20.09
N PRO H 6 25.50 -40.96 -26.41
CA PRO H 6 25.20 -39.98 -27.47
C PRO H 6 25.33 -38.53 -26.97
N THR H 7 26.11 -37.74 -27.71
CA THR H 7 26.27 -36.32 -27.41
C THR H 7 25.39 -35.49 -28.35
N PHE H 8 24.83 -34.40 -27.83
CA PHE H 8 23.93 -33.57 -28.63
C PHE H 8 24.49 -32.16 -28.86
N ASN H 9 24.85 -31.89 -30.11
CA ASN H 9 25.61 -30.69 -30.47
C ASN H 9 24.91 -29.80 -31.50
#